data_3QXZ
#
_entry.id   3QXZ
#
_cell.length_a   76.170
_cell.length_b   76.170
_cell.length_c   122.520
_cell.angle_alpha   90.000
_cell.angle_beta   90.000
_cell.angle_gamma   120.000
#
_symmetry.space_group_name_H-M   'P 32'
#
loop_
_entity.id
_entity.type
_entity.pdbx_description
1 polymer 'enoyl-CoA hydratase/isomerase'
2 non-polymer 'POTASSIUM ION'
3 non-polymer 1,2-ETHANEDIOL
4 non-polymer GLYCEROL
5 water water
#
_entity_poly.entity_id   1
_entity_poly.type   'polypeptide(L)'
_entity_poly.pdbx_seq_one_letter_code
;GPGSMVTELHEEIRDGVAVLTLHGPSTRNSFTVELGRQLGAAYQRLDDDPAVRVIVLTGAPPAFCSGAQISAAAETFAAP
RNPDFSASPVQPAAFELRTPVIAAVNGHAIGIGMTLALHADIRILAEEGRYAIPQVRFGVAPDALAHWTLPRLVGTAVAA
ELLLTGASFSAQRAVETGLANRCLPAGKVLGAALRMAHDIATNVAPESAALTKRLLWDAQMTGMSAAEVAARETADHLRL
MGSQDAAEGPRAFIDGRPPRWAGQR
;
_entity_poly.pdbx_strand_id   A,B,C
#
loop_
_chem_comp.id
_chem_comp.type
_chem_comp.name
_chem_comp.formula
EDO non-polymer 1,2-ETHANEDIOL 'C2 H6 O2'
GOL non-polymer GLYCEROL 'C3 H8 O3'
K non-polymer 'POTASSIUM ION' 'K 1'
#
# COMPACT_ATOMS: atom_id res chain seq x y z
N VAL A 6 -30.34 -8.66 20.24
CA VAL A 6 -29.63 -9.80 19.59
C VAL A 6 -29.41 -9.55 18.11
N THR A 7 -28.22 -9.87 17.63
CA THR A 7 -27.98 -9.95 16.21
C THR A 7 -27.61 -11.40 15.95
N GLU A 8 -28.37 -12.02 15.06
CA GLU A 8 -28.16 -13.43 14.74
C GLU A 8 -27.24 -13.59 13.55
N LEU A 9 -26.64 -14.76 13.43
CA LEU A 9 -25.86 -15.12 12.25
C LEU A 9 -26.64 -16.17 11.46
N HIS A 10 -27.00 -15.83 10.22
CA HIS A 10 -27.66 -16.77 9.33
C HIS A 10 -26.66 -17.35 8.34
N GLU A 11 -26.90 -18.58 7.90
CA GLU A 11 -26.01 -19.29 7.00
C GLU A 11 -26.78 -20.08 5.96
N GLU A 12 -26.35 -19.96 4.71
CA GLU A 12 -26.91 -20.75 3.60
C GLU A 12 -25.78 -21.17 2.69
N ILE A 13 -25.71 -22.46 2.36
CA ILE A 13 -24.68 -22.97 1.45
C ILE A 13 -25.36 -23.54 0.22
N ARG A 14 -24.96 -23.06 -0.95
CA ARG A 14 -25.50 -23.55 -2.21
C ARG A 14 -24.44 -23.48 -3.31
N ASP A 15 -24.28 -24.60 -4.02
CA ASP A 15 -23.39 -24.68 -5.18
C ASP A 15 -21.99 -24.16 -4.89
N GLY A 16 -21.45 -24.56 -3.75
CA GLY A 16 -20.08 -24.22 -3.40
C GLY A 16 -19.87 -22.87 -2.73
N VAL A 17 -20.94 -22.09 -2.55
CA VAL A 17 -20.82 -20.75 -1.96
C VAL A 17 -21.64 -20.69 -0.66
N ALA A 18 -20.98 -20.32 0.42
CA ALA A 18 -21.63 -20.12 1.71
C ALA A 18 -21.88 -18.63 1.92
N VAL A 19 -23.11 -18.28 2.24
CA VAL A 19 -23.45 -16.89 2.56
C VAL A 19 -23.77 -16.80 4.04
N LEU A 20 -23.01 -15.97 4.75
CA LEU A 20 -23.26 -15.61 6.13
C LEU A 20 -23.88 -14.24 6.21
N THR A 21 -25.02 -14.13 6.91
CA THR A 21 -25.72 -12.86 7.03
C THR A 21 -25.82 -12.43 8.48
N LEU A 22 -25.36 -11.19 8.74
CA LEU A 22 -25.47 -10.57 10.06
C LEU A 22 -26.89 -10.00 10.13
N HIS A 23 -27.69 -10.56 11.02
CA HIS A 23 -29.14 -10.30 11.03
C HIS A 23 -29.62 -9.73 12.36
N GLY A 24 -29.72 -8.41 12.43
CA GLY A 24 -30.23 -7.71 13.61
C GLY A 24 -31.01 -6.48 13.20
N PRO A 25 -32.24 -6.67 12.65
CA PRO A 25 -33.05 -5.58 12.10
C PRO A 25 -33.26 -4.40 13.07
N SER A 26 -33.47 -4.68 14.34
CA SER A 26 -33.73 -3.62 15.31
C SER A 26 -32.53 -2.71 15.62
N THR A 27 -31.32 -3.16 15.27
CA THR A 27 -30.11 -2.41 15.61
C THR A 27 -29.16 -2.21 14.42
N ARG A 28 -29.68 -2.34 13.20
CA ARG A 28 -28.84 -2.29 11.99
CA ARG A 28 -28.84 -2.29 11.99
C ARG A 28 -27.67 -3.27 12.10
N ASN A 29 -28.00 -4.47 12.55
CA ASN A 29 -27.10 -5.61 12.67
C ASN A 29 -25.90 -5.31 13.56
N SER A 30 -26.16 -4.70 14.73
CA SER A 30 -25.09 -4.34 15.65
C SER A 30 -24.25 -5.55 16.05
N PHE A 31 -22.97 -5.29 16.30
CA PHE A 31 -22.06 -6.31 16.74
C PHE A 31 -22.25 -6.59 18.21
N THR A 32 -22.22 -7.88 18.56
CA THR A 32 -22.26 -8.34 19.94
C THR A 32 -21.19 -9.39 20.14
N VAL A 33 -20.83 -9.63 21.40
CA VAL A 33 -19.84 -10.64 21.75
C VAL A 33 -20.26 -12.00 21.21
N GLU A 34 -21.52 -12.37 21.43
CA GLU A 34 -22.02 -13.64 20.93
C GLU A 34 -21.99 -13.75 19.42
N LEU A 35 -22.31 -12.66 18.72
CA LEU A 35 -22.20 -12.67 17.25
C LEU A 35 -20.76 -12.95 16.84
N GLY A 36 -19.79 -12.33 17.54
CA GLY A 36 -18.38 -12.57 17.21
C GLY A 36 -17.96 -14.03 17.42
N ARG A 37 -18.44 -14.63 18.51
CA ARG A 37 -18.19 -16.05 18.78
C ARG A 37 -18.74 -16.93 17.67
N GLN A 38 -19.98 -16.65 17.26
CA GLN A 38 -20.63 -17.43 16.19
C GLN A 38 -19.95 -17.24 14.83
N LEU A 39 -19.50 -16.01 14.53
CA LEU A 39 -18.87 -15.76 13.25
C LEU A 39 -17.53 -16.48 13.15
N GLY A 40 -16.75 -16.45 14.22
CA GLY A 40 -15.49 -17.18 14.24
C GLY A 40 -15.70 -18.67 14.07
N ALA A 41 -16.69 -19.22 14.79
CA ALA A 41 -17.00 -20.65 14.69
C ALA A 41 -17.43 -21.03 13.29
N ALA A 42 -18.23 -20.16 12.64
CA ALA A 42 -18.70 -20.41 11.29
C ALA A 42 -17.54 -20.36 10.29
N TYR A 43 -16.67 -19.35 10.41
CA TYR A 43 -15.47 -19.30 9.57
C TYR A 43 -14.68 -20.61 9.64
N GLN A 44 -14.46 -21.11 10.86
CA GLN A 44 -13.65 -22.32 11.00
C GLN A 44 -14.33 -23.55 10.37
N ARG A 45 -15.62 -23.73 10.63
CA ARG A 45 -16.35 -24.87 10.11
C ARG A 45 -16.43 -24.81 8.59
N LEU A 46 -16.72 -23.62 8.04
CA LEU A 46 -16.86 -23.46 6.60
C LEU A 46 -15.51 -23.62 5.92
N ASP A 47 -14.44 -23.17 6.56
CA ASP A 47 -13.11 -23.36 6.00
C ASP A 47 -12.80 -24.85 5.88
N ASP A 48 -13.18 -25.63 6.90
CA ASP A 48 -12.92 -27.06 6.94
C ASP A 48 -13.80 -27.87 5.99
N ASP A 49 -14.94 -27.32 5.58
CA ASP A 49 -15.89 -28.02 4.71
C ASP A 49 -15.37 -28.01 3.27
N PRO A 50 -15.00 -29.19 2.70
CA PRO A 50 -14.40 -29.21 1.36
C PRO A 50 -15.37 -28.74 0.28
N ALA A 51 -16.67 -28.80 0.57
CA ALA A 51 -17.71 -28.41 -0.39
C ALA A 51 -17.85 -26.90 -0.50
N VAL A 52 -17.28 -26.16 0.45
CA VAL A 52 -17.39 -24.69 0.46
C VAL A 52 -16.15 -24.08 -0.20
N ARG A 53 -16.36 -23.50 -1.37
CA ARG A 53 -15.29 -22.88 -2.16
C ARG A 53 -15.05 -21.41 -1.83
N VAL A 54 -16.10 -20.71 -1.41
CA VAL A 54 -16.03 -19.27 -1.12
C VAL A 54 -17.06 -18.96 -0.05
N ILE A 55 -16.71 -18.03 0.83
CA ILE A 55 -17.62 -17.51 1.84
C ILE A 55 -17.93 -16.05 1.51
N VAL A 56 -19.22 -15.71 1.49
CA VAL A 56 -19.67 -14.32 1.33
C VAL A 56 -20.28 -13.86 2.64
N LEU A 57 -19.77 -12.76 3.19
CA LEU A 57 -20.31 -12.13 4.40
C LEU A 57 -21.12 -10.89 4.05
N THR A 58 -22.35 -10.80 4.56
CA THR A 58 -23.24 -9.70 4.23
C THR A 58 -24.15 -9.38 5.41
N GLY A 59 -24.89 -8.27 5.33
CA GLY A 59 -25.84 -7.89 6.39
C GLY A 59 -27.27 -7.84 5.92
N ALA A 60 -28.20 -8.03 6.86
CA ALA A 60 -29.62 -7.85 6.56
C ALA A 60 -29.85 -6.38 6.20
N PRO A 61 -30.45 -6.10 5.02
CA PRO A 61 -30.65 -4.70 4.63
C PRO A 61 -31.43 -3.91 5.70
N PRO A 62 -31.16 -2.60 5.83
CA PRO A 62 -30.36 -1.77 4.94
C PRO A 62 -28.87 -1.64 5.32
N ALA A 63 -28.41 -2.36 6.33
CA ALA A 63 -27.06 -2.15 6.83
C ALA A 63 -26.17 -3.38 6.65
N PHE A 64 -24.85 -3.18 6.74
CA PHE A 64 -23.95 -4.32 6.89
C PHE A 64 -23.84 -4.62 8.38
N CYS A 65 -23.23 -3.72 9.16
CA CYS A 65 -23.07 -3.89 10.60
C CYS A 65 -22.77 -2.53 11.22
N SER A 66 -23.67 -2.09 12.11
CA SER A 66 -23.55 -0.77 12.73
C SER A 66 -22.50 -0.72 13.85
N GLY A 67 -21.85 -1.84 14.13
CA GLY A 67 -20.80 -1.90 15.15
C GLY A 67 -21.32 -2.03 16.56
N ALA A 68 -20.46 -1.70 17.53
CA ALA A 68 -20.80 -1.83 18.95
C ALA A 68 -22.01 -0.97 19.30
N GLN A 69 -22.85 -1.53 20.17
CA GLN A 69 -23.99 -0.80 20.74
C GLN A 69 -23.49 0.28 21.72
N ILE A 70 -23.49 1.54 21.28
CA ILE A 70 -22.91 2.64 22.08
C ILE A 70 -23.68 2.91 23.35
N SER A 71 -25.01 3.02 23.23
CA SER A 71 -25.88 3.26 24.38
C SER A 71 -25.69 2.19 25.45
N ALA A 72 -25.30 1.00 25.02
CA ALA A 72 -25.08 -0.14 25.89
C ALA A 72 -23.63 -0.34 26.35
N ALA A 73 -22.74 0.60 26.01
CA ALA A 73 -21.29 0.43 26.27
C ALA A 73 -20.65 1.49 27.21
N ALA A 74 -21.50 2.20 27.94
CA ALA A 74 -21.03 3.24 28.85
C ALA A 74 -20.25 2.71 30.06
N GLU A 75 -20.61 1.52 30.53
CA GLU A 75 -20.00 0.96 31.73
C GLU A 75 -19.42 -0.41 31.45
N THR A 76 -18.66 -0.50 30.37
CA THR A 76 -17.97 -1.74 30.06
C THR A 76 -16.59 -1.59 30.62
N PHE A 77 -16.47 -1.77 31.93
CA PHE A 77 -15.24 -1.68 32.70
CA PHE A 77 -15.17 -1.56 32.49
C PHE A 77 -14.27 -2.78 32.29
N ALA A 78 -12.99 -2.55 32.49
CA ALA A 78 -12.00 -3.58 32.32
C ALA A 78 -11.97 -4.46 33.60
N ALA A 79 -12.99 -5.32 33.74
CA ALA A 79 -13.10 -6.21 34.90
C ALA A 79 -12.09 -7.34 34.79
N PRO A 80 -11.37 -7.64 35.88
CA PRO A 80 -10.46 -8.78 35.79
C PRO A 80 -11.26 -10.08 35.66
N ARG A 81 -10.86 -10.90 34.70
CA ARG A 81 -11.52 -12.19 34.45
C ARG A 81 -10.63 -13.09 33.61
N ASN A 82 -10.97 -14.38 33.59
CA ASN A 82 -10.29 -15.36 32.76
C ASN A 82 -11.31 -16.31 32.13
N PRO A 83 -11.35 -16.39 30.78
CA PRO A 83 -10.49 -15.66 29.84
C PRO A 83 -10.76 -14.15 29.82
N ASP A 84 -9.71 -13.38 29.54
CA ASP A 84 -9.79 -11.94 29.55
C ASP A 84 -10.42 -11.43 28.25
N PHE A 85 -10.74 -10.15 28.28
CA PHE A 85 -11.17 -9.40 27.11
C PHE A 85 -10.14 -9.51 25.97
N SER A 86 -10.65 -9.55 24.73
CA SER A 86 -9.80 -9.40 23.55
C SER A 86 -10.36 -8.33 22.62
N ALA A 87 -9.47 -7.55 22.01
CA ALA A 87 -9.87 -6.61 20.97
C ALA A 87 -10.05 -7.26 19.60
N SER A 88 -9.83 -8.58 19.53
CA SER A 88 -10.07 -9.39 18.34
C SER A 88 -11.18 -10.42 18.65
N PRO A 89 -12.44 -9.99 18.62
CA PRO A 89 -13.56 -10.86 19.06
C PRO A 89 -14.03 -11.88 18.01
N VAL A 90 -13.39 -11.90 16.84
CA VAL A 90 -13.70 -12.91 15.83
C VAL A 90 -12.42 -13.67 15.52
N GLN A 91 -12.40 -14.94 15.89
CA GLN A 91 -11.25 -15.79 15.70
C GLN A 91 -11.75 -17.16 15.24
N PRO A 92 -11.18 -17.71 14.16
CA PRO A 92 -10.12 -17.14 13.34
C PRO A 92 -10.62 -15.94 12.53
N ALA A 93 -9.67 -15.12 12.10
CA ALA A 93 -9.97 -13.99 11.20
C ALA A 93 -10.13 -14.56 9.80
N ALA A 94 -10.90 -13.88 8.96
CA ALA A 94 -11.13 -14.36 7.59
C ALA A 94 -9.82 -14.58 6.84
N PHE A 95 -8.83 -13.70 7.08
CA PHE A 95 -7.56 -13.78 6.35
C PHE A 95 -6.66 -14.94 6.82
N GLU A 96 -7.08 -15.69 7.83
CA GLU A 96 -6.34 -16.88 8.29
CA GLU A 96 -6.33 -16.87 8.28
C GLU A 96 -6.84 -18.14 7.60
N LEU A 97 -7.94 -18.05 6.86
CA LEU A 97 -8.58 -19.24 6.26
C LEU A 97 -7.94 -19.65 4.93
N ARG A 98 -8.15 -20.90 4.54
CA ARG A 98 -7.78 -21.33 3.18
CA ARG A 98 -7.79 -21.35 3.17
C ARG A 98 -8.82 -20.88 2.15
N THR A 99 -10.03 -20.62 2.62
CA THR A 99 -11.18 -20.31 1.77
C THR A 99 -11.29 -18.81 1.53
N PRO A 100 -11.43 -18.38 0.26
CA PRO A 100 -11.65 -16.95 -0.02
C PRO A 100 -12.91 -16.42 0.65
N VAL A 101 -12.82 -15.18 1.12
CA VAL A 101 -13.92 -14.51 1.80
C VAL A 101 -14.16 -13.18 1.12
N ILE A 102 -15.40 -12.95 0.65
CA ILE A 102 -15.82 -11.70 0.06
C ILE A 102 -16.84 -11.04 0.99
N ALA A 103 -16.60 -9.77 1.36
CA ALA A 103 -17.55 -9.00 2.14
C ALA A 103 -18.42 -8.18 1.21
N ALA A 104 -19.70 -8.55 1.16
CA ALA A 104 -20.71 -7.83 0.42
C ALA A 104 -21.29 -6.79 1.37
N VAL A 105 -20.63 -5.63 1.41
CA VAL A 105 -20.94 -4.58 2.37
C VAL A 105 -22.10 -3.76 1.78
N ASN A 106 -23.30 -4.26 2.05
CA ASN A 106 -24.53 -3.78 1.41
C ASN A 106 -25.08 -2.47 1.98
N GLY A 107 -24.44 -1.95 3.02
CA GLY A 107 -24.88 -0.71 3.65
C GLY A 107 -23.95 -0.38 4.81
N HIS A 108 -24.43 0.42 5.75
CA HIS A 108 -23.58 0.99 6.80
C HIS A 108 -22.68 -0.03 7.45
N ALA A 109 -21.41 0.34 7.58
CA ALA A 109 -20.43 -0.48 8.29
C ALA A 109 -19.60 0.46 9.16
N ILE A 110 -19.83 0.40 10.46
CA ILE A 110 -19.29 1.38 11.40
C ILE A 110 -18.51 0.67 12.51
N GLY A 111 -17.34 1.20 12.86
CA GLY A 111 -16.57 0.68 13.99
C GLY A 111 -16.14 -0.76 13.74
N ILE A 112 -16.44 -1.66 14.66
CA ILE A 112 -16.09 -3.06 14.46
C ILE A 112 -16.85 -3.67 13.25
N GLY A 113 -17.98 -3.07 12.85
CA GLY A 113 -18.63 -3.48 11.60
C GLY A 113 -17.69 -3.30 10.41
N MET A 114 -16.97 -2.18 10.40
CA MET A 114 -15.99 -1.96 9.36
C MET A 114 -14.70 -2.76 9.59
N THR A 115 -14.18 -2.78 10.83
CA THR A 115 -12.88 -3.45 11.02
C THR A 115 -12.97 -4.96 10.78
N LEU A 116 -14.12 -5.59 11.09
CA LEU A 116 -14.32 -6.99 10.69
C LEU A 116 -14.44 -7.15 9.18
N ALA A 117 -15.05 -6.19 8.49
CA ALA A 117 -15.11 -6.27 7.03
C ALA A 117 -13.72 -6.20 6.41
N LEU A 118 -12.81 -5.49 7.08
CA LEU A 118 -11.43 -5.40 6.60
C LEU A 118 -10.68 -6.73 6.66
N HIS A 119 -11.24 -7.77 7.32
CA HIS A 119 -10.57 -9.07 7.32
C HIS A 119 -10.77 -9.80 6.00
N ALA A 120 -11.81 -9.45 5.24
CA ALA A 120 -12.12 -10.17 4.01
C ALA A 120 -11.06 -9.92 2.93
N ASP A 121 -10.93 -10.86 1.99
CA ASP A 121 -10.01 -10.66 0.87
C ASP A 121 -10.44 -9.52 -0.04
N ILE A 122 -11.75 -9.44 -0.23
CA ILE A 122 -12.34 -8.58 -1.26
C ILE A 122 -13.57 -7.91 -0.62
N ARG A 123 -13.75 -6.61 -0.89
CA ARG A 123 -14.91 -5.85 -0.41
C ARG A 123 -15.61 -5.16 -1.57
N ILE A 124 -16.93 -5.30 -1.57
CA ILE A 124 -17.79 -4.52 -2.48
C ILE A 124 -18.69 -3.70 -1.56
N LEU A 125 -18.65 -2.38 -1.74
CA LEU A 125 -19.40 -1.46 -0.86
C LEU A 125 -20.56 -0.76 -1.54
N ALA A 126 -21.62 -0.55 -0.76
CA ALA A 126 -22.81 0.18 -1.20
C ALA A 126 -22.50 1.68 -1.26
N GLU A 127 -22.84 2.31 -2.38
CA GLU A 127 -22.67 3.77 -2.52
C GLU A 127 -23.41 4.60 -1.48
N GLU A 128 -24.53 4.09 -1.01
CA GLU A 128 -25.39 4.82 -0.06
C GLU A 128 -24.97 4.65 1.40
N GLY A 129 -23.98 3.81 1.66
CA GLY A 129 -23.61 3.47 3.05
C GLY A 129 -22.79 4.53 3.77
N ARG A 130 -22.95 4.57 5.08
CA ARG A 130 -22.05 5.33 5.94
C ARG A 130 -20.96 4.37 6.45
N TYR A 131 -19.70 4.81 6.32
CA TYR A 131 -18.53 4.01 6.70
C TYR A 131 -17.63 4.83 7.60
N ALA A 132 -17.18 4.25 8.72
CA ALA A 132 -16.30 4.98 9.64
C ALA A 132 -15.70 3.99 10.59
N ILE A 133 -14.56 4.38 11.17
CA ILE A 133 -13.91 3.65 12.27
C ILE A 133 -13.75 4.69 13.38
N PRO A 134 -14.85 4.97 14.12
CA PRO A 134 -14.84 6.15 14.98
C PRO A 134 -14.50 5.89 16.44
N GLN A 135 -13.92 4.73 16.73
CA GLN A 135 -13.64 4.33 18.13
C GLN A 135 -12.91 5.42 18.94
N VAL A 136 -11.94 6.11 18.35
CA VAL A 136 -11.19 7.13 19.13
C VAL A 136 -12.06 8.30 19.58
N ARG A 137 -13.19 8.54 18.87
CA ARG A 137 -14.14 9.59 19.27
C ARG A 137 -14.97 9.19 20.48
N PHE A 138 -14.88 7.93 20.89
CA PHE A 138 -15.60 7.41 22.03
C PHE A 138 -14.71 7.01 23.18
N GLY A 139 -13.43 7.35 23.10
CA GLY A 139 -12.49 7.05 24.18
C GLY A 139 -11.92 5.63 24.19
N VAL A 140 -12.17 4.86 23.13
CA VAL A 140 -11.46 3.59 22.93
C VAL A 140 -10.56 3.70 21.68
N ALA A 141 -10.36 2.63 20.91
CA ALA A 141 -9.38 2.68 19.82
C ALA A 141 -9.79 1.67 18.79
N PRO A 142 -9.21 1.73 17.59
CA PRO A 142 -9.56 0.74 16.56
C PRO A 142 -9.25 -0.67 17.05
N ASP A 143 -10.03 -1.62 16.55
CA ASP A 143 -10.02 -3.00 17.02
C ASP A 143 -9.93 -3.96 15.83
N ALA A 144 -9.95 -5.24 16.17
CA ALA A 144 -9.94 -6.34 15.20
C ALA A 144 -8.85 -6.15 14.15
N LEU A 145 -7.66 -5.78 14.62
CA LEU A 145 -6.46 -5.69 13.77
C LEU A 145 -6.51 -4.57 12.73
N ALA A 146 -7.39 -3.57 12.92
CA ALA A 146 -7.41 -2.45 11.97
C ALA A 146 -6.07 -1.74 11.85
N HIS A 147 -5.28 -1.69 12.92
CA HIS A 147 -3.96 -1.03 12.85
C HIS A 147 -3.01 -1.71 11.85
N TRP A 148 -3.29 -2.99 11.56
CA TRP A 148 -2.49 -3.81 10.67
C TRP A 148 -3.13 -3.97 9.29
N THR A 149 -4.44 -4.21 9.23
CA THR A 149 -5.09 -4.41 7.92
C THR A 149 -5.16 -3.11 7.15
N LEU A 150 -5.43 -1.99 7.82
CA LEU A 150 -5.77 -0.79 7.08
C LEU A 150 -4.60 -0.16 6.29
N PRO A 151 -3.42 0.01 6.90
CA PRO A 151 -2.32 0.57 6.07
C PRO A 151 -1.94 -0.35 4.91
N ARG A 152 -2.21 -1.65 5.05
CA ARG A 152 -1.92 -2.62 3.97
C ARG A 152 -2.92 -2.51 2.82
N LEU A 153 -3.96 -1.69 2.98
CA LEU A 153 -4.91 -1.39 1.91
C LEU A 153 -4.64 -0.01 1.30
N VAL A 154 -4.50 1.00 2.17
CA VAL A 154 -4.63 2.40 1.75
C VAL A 154 -3.38 3.22 2.01
N GLY A 155 -2.34 2.62 2.56
CA GLY A 155 -1.13 3.36 2.93
C GLY A 155 -1.28 4.07 4.24
N THR A 156 -0.18 4.60 4.76
CA THR A 156 -0.21 5.07 6.14
CA THR A 156 -0.12 5.12 6.12
C THR A 156 -0.99 6.36 6.36
N ALA A 157 -1.05 7.22 5.36
CA ALA A 157 -1.72 8.52 5.54
C ALA A 157 -3.22 8.41 5.58
N VAL A 158 -3.78 7.68 4.61
CA VAL A 158 -5.22 7.43 4.64
C VAL A 158 -5.57 6.65 5.90
N ALA A 159 -4.73 5.67 6.28
CA ALA A 159 -4.98 4.92 7.51
C ALA A 159 -4.97 5.83 8.72
N ALA A 160 -3.96 6.70 8.83
CA ALA A 160 -3.88 7.60 9.99
C ALA A 160 -5.11 8.52 10.04
N GLU A 161 -5.53 9.06 8.90
CA GLU A 161 -6.70 9.95 8.91
C GLU A 161 -7.93 9.17 9.42
N LEU A 162 -8.20 7.99 8.88
CA LEU A 162 -9.42 7.27 9.27
CA LEU A 162 -9.39 7.22 9.26
C LEU A 162 -9.34 6.84 10.73
N LEU A 163 -8.18 6.40 11.21
CA LEU A 163 -8.07 5.88 12.59
C LEU A 163 -7.94 6.98 13.64
N LEU A 164 -7.24 8.07 13.34
CA LEU A 164 -6.98 9.11 14.32
C LEU A 164 -8.12 10.12 14.37
N THR A 165 -8.84 10.32 13.26
CA THR A 165 -9.96 11.26 13.31
C THR A 165 -11.29 10.54 13.48
N GLY A 166 -11.38 9.27 13.10
CA GLY A 166 -12.67 8.57 13.12
C GLY A 166 -13.68 9.07 12.10
N ALA A 167 -13.20 9.82 11.11
CA ALA A 167 -14.11 10.42 10.14
C ALA A 167 -14.79 9.42 9.22
N SER A 168 -15.98 9.78 8.78
CA SER A 168 -16.72 8.97 7.82
CA SER A 168 -16.72 8.97 7.81
C SER A 168 -16.10 9.11 6.43
N PHE A 169 -16.31 8.13 5.59
CA PHE A 169 -15.80 8.12 4.22
C PHE A 169 -16.79 7.42 3.32
N SER A 170 -16.79 7.79 2.05
CA SER A 170 -17.73 7.22 1.10
C SER A 170 -17.22 5.90 0.51
N ALA A 171 -18.15 5.13 -0.05
CA ALA A 171 -17.78 3.95 -0.84
C ALA A 171 -16.81 4.29 -1.97
N GLN A 172 -17.06 5.42 -2.63
CA GLN A 172 -16.18 5.86 -3.73
C GLN A 172 -14.75 6.12 -3.24
N ARG A 173 -14.61 6.82 -2.11
CA ARG A 173 -13.28 7.03 -1.58
CA ARG A 173 -13.31 7.04 -1.49
C ARG A 173 -12.63 5.72 -1.15
N ALA A 174 -13.42 4.78 -0.64
CA ALA A 174 -12.89 3.46 -0.28
C ALA A 174 -12.30 2.76 -1.51
N VAL A 175 -12.95 2.86 -2.66
CA VAL A 175 -12.40 2.27 -3.88
C VAL A 175 -11.17 3.04 -4.35
N GLU A 176 -11.25 4.37 -4.35
CA GLU A 176 -10.12 5.20 -4.82
C GLU A 176 -8.84 4.93 -4.04
N THR A 177 -8.98 4.66 -2.74
CA THR A 177 -7.81 4.50 -1.87
C THR A 177 -7.32 3.07 -1.73
N GLY A 178 -8.09 2.10 -2.20
CA GLY A 178 -7.70 0.70 -2.13
C GLY A 178 -8.32 -0.10 -1.00
N LEU A 179 -9.18 0.53 -0.19
CA LEU A 179 -9.85 -0.19 0.89
C LEU A 179 -10.84 -1.21 0.33
N ALA A 180 -11.54 -0.81 -0.73
CA ALA A 180 -12.60 -1.62 -1.35
C ALA A 180 -12.27 -1.86 -2.80
N ASN A 181 -12.80 -2.97 -3.32
CA ASN A 181 -12.57 -3.36 -4.70
C ASN A 181 -13.49 -2.67 -5.67
N ARG A 182 -14.72 -2.42 -5.23
CA ARG A 182 -15.76 -1.90 -6.11
C ARG A 182 -16.83 -1.25 -5.24
N CYS A 183 -17.51 -0.25 -5.81
CA CYS A 183 -18.71 0.26 -5.19
C CYS A 183 -19.88 0.23 -6.18
N LEU A 184 -21.06 -0.02 -5.63
CA LEU A 184 -22.28 -0.19 -6.42
C LEU A 184 -23.47 0.32 -5.62
N PRO A 185 -24.59 0.58 -6.30
CA PRO A 185 -25.81 0.84 -5.55
C PRO A 185 -26.07 -0.33 -4.60
N ALA A 186 -26.57 -0.03 -3.41
CA ALA A 186 -26.76 -1.03 -2.36
C ALA A 186 -27.44 -2.31 -2.82
N GLY A 187 -28.50 -2.18 -3.60
CA GLY A 187 -29.27 -3.33 -4.06
C GLY A 187 -28.57 -4.26 -5.05
N LYS A 188 -27.41 -3.82 -5.54
CA LYS A 188 -26.61 -4.56 -6.51
C LYS A 188 -25.39 -5.25 -5.86
N VAL A 189 -25.09 -4.88 -4.61
CA VAL A 189 -23.84 -5.34 -3.96
C VAL A 189 -23.78 -6.85 -3.75
N LEU A 190 -24.81 -7.43 -3.14
CA LEU A 190 -24.79 -8.86 -2.86
C LEU A 190 -24.73 -9.68 -4.14
N GLY A 191 -25.54 -9.31 -5.15
CA GLY A 191 -25.53 -10.01 -6.43
C GLY A 191 -24.17 -9.99 -7.08
N ALA A 192 -23.46 -8.86 -7.01
CA ALA A 192 -22.12 -8.78 -7.59
C ALA A 192 -21.15 -9.70 -6.83
N ALA A 193 -21.26 -9.71 -5.50
CA ALA A 193 -20.41 -10.58 -4.69
C ALA A 193 -20.66 -12.07 -5.03
N LEU A 194 -21.93 -12.43 -5.20
CA LEU A 194 -22.31 -13.81 -5.54
C LEU A 194 -21.81 -14.21 -6.93
N ARG A 195 -21.89 -13.30 -7.91
CA ARG A 195 -21.36 -13.62 -9.25
C ARG A 195 -19.85 -13.89 -9.17
N MET A 196 -19.15 -13.07 -8.38
CA MET A 196 -17.71 -13.26 -8.20
C MET A 196 -17.43 -14.58 -7.49
N ALA A 197 -18.20 -14.88 -6.44
CA ALA A 197 -18.03 -16.12 -5.69
C ALA A 197 -18.28 -17.35 -6.55
N HIS A 198 -19.35 -17.32 -7.35
CA HIS A 198 -19.64 -18.49 -8.20
C HIS A 198 -18.61 -18.68 -9.31
N ASP A 199 -18.04 -17.58 -9.80
CA ASP A 199 -16.94 -17.69 -10.75
C ASP A 199 -15.70 -18.35 -10.13
N ILE A 200 -15.37 -18.01 -8.89
CA ILE A 200 -14.28 -18.71 -8.20
C ILE A 200 -14.63 -20.20 -8.03
N ALA A 201 -15.85 -20.47 -7.56
CA ALA A 201 -16.24 -21.85 -7.27
C ALA A 201 -16.19 -22.72 -8.52
N THR A 202 -16.56 -22.13 -9.66
CA THR A 202 -16.59 -22.86 -10.92
C THR A 202 -15.22 -22.90 -11.60
N ASN A 203 -14.55 -21.75 -11.69
CA ASN A 203 -13.43 -21.60 -12.61
C ASN A 203 -12.05 -21.49 -12.00
N VAL A 204 -11.98 -21.49 -10.67
CA VAL A 204 -10.69 -21.40 -9.98
C VAL A 204 -10.44 -22.72 -9.24
N ALA A 205 -9.27 -23.31 -9.42
CA ALA A 205 -9.00 -24.63 -8.80
C ALA A 205 -8.98 -24.49 -7.28
N PRO A 206 -9.53 -25.48 -6.54
CA PRO A 206 -9.61 -25.35 -5.07
C PRO A 206 -8.25 -25.18 -4.39
N GLU A 207 -7.27 -26.02 -4.76
CA GLU A 207 -5.96 -25.92 -4.12
C GLU A 207 -5.22 -24.67 -4.57
N SER A 208 -5.42 -24.26 -5.82
CA SER A 208 -4.83 -22.99 -6.30
C SER A 208 -5.29 -21.81 -5.44
N ALA A 209 -6.59 -21.72 -5.21
CA ALA A 209 -7.11 -20.63 -4.37
C ALA A 209 -6.56 -20.72 -2.95
N ALA A 210 -6.52 -21.91 -2.38
CA ALA A 210 -6.09 -22.06 -0.98
C ALA A 210 -4.62 -21.68 -0.81
N LEU A 211 -3.75 -22.17 -1.70
CA LEU A 211 -2.33 -21.88 -1.56
C LEU A 211 -2.02 -20.43 -1.85
N THR A 212 -2.71 -19.86 -2.85
CA THR A 212 -2.51 -18.44 -3.17
C THR A 212 -2.96 -17.54 -2.01
N LYS A 213 -4.14 -17.81 -1.45
CA LYS A 213 -4.61 -17.01 -0.32
C LYS A 213 -3.68 -17.14 0.86
N ARG A 214 -3.28 -18.36 1.19
CA ARG A 214 -2.44 -18.56 2.36
C ARG A 214 -1.05 -17.99 2.20
N LEU A 215 -0.47 -18.03 1.00
CA LEU A 215 0.85 -17.42 0.83
C LEU A 215 0.74 -15.89 0.90
N LEU A 216 -0.24 -15.32 0.22
CA LEU A 216 -0.44 -13.89 0.28
C LEU A 216 -0.51 -13.41 1.74
N TRP A 217 -1.36 -14.05 2.53
CA TRP A 217 -1.60 -13.59 3.88
C TRP A 217 -0.52 -14.05 4.86
N ASP A 218 -0.04 -15.30 4.78
CA ASP A 218 1.05 -15.71 5.69
C ASP A 218 2.24 -14.80 5.54
N ALA A 219 2.54 -14.39 4.31
CA ALA A 219 3.69 -13.52 4.08
C ALA A 219 3.50 -12.18 4.79
N GLN A 220 2.28 -11.64 4.76
CA GLN A 220 1.96 -10.40 5.48
C GLN A 220 2.00 -10.61 6.98
N MET A 221 1.38 -11.68 7.46
CA MET A 221 1.25 -11.92 8.90
C MET A 221 2.59 -12.12 9.61
N THR A 222 3.53 -12.75 8.92
CA THR A 222 4.79 -13.15 9.53
C THR A 222 5.97 -12.33 9.00
N GLY A 223 5.76 -11.41 8.06
CA GLY A 223 6.87 -10.59 7.54
C GLY A 223 7.87 -11.41 6.73
N MET A 224 7.41 -12.32 5.87
CA MET A 224 8.35 -13.15 5.10
C MET A 224 9.21 -12.28 4.18
N SER A 225 10.47 -12.64 4.01
CA SER A 225 11.34 -11.96 3.05
C SER A 225 10.94 -12.34 1.63
N ALA A 226 11.43 -11.55 0.67
CA ALA A 226 11.21 -11.89 -0.75
C ALA A 226 11.75 -13.28 -1.08
N ALA A 227 12.94 -13.62 -0.60
CA ALA A 227 13.50 -14.94 -0.88
C ALA A 227 12.60 -16.03 -0.30
N GLU A 228 12.05 -15.83 0.88
CA GLU A 228 11.16 -16.84 1.50
C GLU A 228 9.85 -16.98 0.71
N VAL A 229 9.26 -15.88 0.25
CA VAL A 229 8.07 -15.96 -0.57
C VAL A 229 8.39 -16.67 -1.90
N ALA A 230 9.52 -16.35 -2.51
CA ALA A 230 9.89 -16.98 -3.80
C ALA A 230 10.03 -18.49 -3.62
N ALA A 231 10.66 -18.90 -2.53
CA ALA A 231 10.80 -20.34 -2.25
C ALA A 231 9.43 -21.00 -2.03
N ARG A 232 8.51 -20.34 -1.34
CA ARG A 232 7.20 -20.96 -1.14
C ARG A 232 6.39 -21.03 -2.42
N GLU A 233 6.53 -20.05 -3.31
CA GLU A 233 5.87 -20.16 -4.61
C GLU A 233 6.39 -21.39 -5.33
N THR A 234 7.71 -21.64 -5.30
CA THR A 234 8.24 -22.86 -5.92
C THR A 234 7.65 -24.12 -5.30
N ALA A 235 7.63 -24.18 -3.96
CA ALA A 235 7.13 -25.37 -3.26
C ALA A 235 5.63 -25.55 -3.53
N ASP A 236 4.86 -24.47 -3.51
CA ASP A 236 3.44 -24.55 -3.86
C ASP A 236 3.23 -24.99 -5.30
N HIS A 237 4.05 -24.51 -6.21
CA HIS A 237 3.99 -24.96 -7.61
C HIS A 237 4.27 -26.46 -7.71
N LEU A 238 5.25 -26.99 -6.96
CA LEU A 238 5.48 -28.43 -7.04
C LEU A 238 4.26 -29.18 -6.53
N ARG A 239 3.62 -28.71 -5.48
CA ARG A 239 2.38 -29.32 -4.98
C ARG A 239 1.27 -29.27 -6.02
N LEU A 240 1.06 -28.12 -6.63
CA LEU A 240 0.00 -27.97 -7.64
C LEU A 240 0.30 -28.72 -8.93
N MET A 241 1.53 -28.64 -9.41
CA MET A 241 1.89 -29.33 -10.66
C MET A 241 1.91 -30.85 -10.48
N GLY A 242 2.00 -31.33 -9.24
CA GLY A 242 1.92 -32.76 -8.97
C GLY A 242 0.50 -33.26 -8.82
N SER A 243 -0.49 -32.42 -9.07
CA SER A 243 -1.92 -32.78 -9.03
C SER A 243 -2.54 -32.61 -10.40
N GLN A 244 -3.49 -33.52 -10.69
CA GLN A 244 -4.17 -33.49 -11.98
C GLN A 244 -4.93 -32.21 -12.32
N ASP A 245 -5.28 -31.40 -11.30
CA ASP A 245 -5.97 -30.14 -11.60
C ASP A 245 -5.10 -29.20 -12.48
N ALA A 246 -3.78 -29.32 -12.38
CA ALA A 246 -2.88 -28.50 -13.20
C ALA A 246 -2.94 -28.87 -14.68
N ALA A 247 -3.35 -30.11 -14.96
CA ALA A 247 -3.56 -30.51 -16.36
C ALA A 247 -4.99 -30.24 -16.79
N GLU A 248 -5.92 -30.38 -15.87
CA GLU A 248 -7.35 -30.18 -16.16
C GLU A 248 -7.70 -28.73 -16.54
N GLY A 249 -7.08 -27.75 -15.89
CA GLY A 249 -7.36 -26.36 -16.23
C GLY A 249 -7.13 -26.05 -17.70
N PRO A 250 -5.90 -26.28 -18.20
CA PRO A 250 -5.64 -26.08 -19.64
C PRO A 250 -6.48 -27.01 -20.53
N ARG A 251 -6.62 -28.27 -20.14
CA ARG A 251 -7.39 -29.21 -20.99
C ARG A 251 -8.84 -28.74 -21.17
N ALA A 252 -9.48 -28.32 -20.08
CA ALA A 252 -10.86 -27.86 -20.16
C ALA A 252 -10.97 -26.59 -20.98
N PHE A 253 -10.01 -25.70 -20.82
CA PHE A 253 -9.97 -24.45 -21.59
C PHE A 253 -9.87 -24.73 -23.11
N ILE A 254 -8.94 -25.61 -23.49
CA ILE A 254 -8.75 -26.01 -24.88
C ILE A 254 -9.98 -26.74 -25.46
N ASP A 255 -10.65 -27.53 -24.61
CA ASP A 255 -11.86 -28.27 -25.03
C ASP A 255 -13.10 -27.39 -25.09
N GLY A 256 -13.02 -26.19 -24.52
CA GLY A 256 -14.17 -25.28 -24.41
C GLY A 256 -15.27 -25.77 -23.45
N ARG A 257 -14.86 -26.32 -22.31
CA ARG A 257 -15.80 -26.91 -21.35
C ARG A 257 -15.42 -26.47 -19.92
N PRO A 258 -16.38 -26.54 -18.96
CA PRO A 258 -16.01 -26.19 -17.59
C PRO A 258 -14.99 -27.17 -17.01
N PRO A 259 -14.06 -26.67 -16.19
CA PRO A 259 -13.09 -27.58 -15.59
C PRO A 259 -13.76 -28.49 -14.55
N ARG A 260 -13.27 -29.74 -14.46
CA ARG A 260 -13.75 -30.71 -13.49
C ARG A 260 -12.69 -30.84 -12.41
N TRP A 261 -12.72 -29.93 -11.44
CA TRP A 261 -11.67 -29.92 -10.43
C TRP A 261 -11.80 -31.09 -9.46
N ALA A 262 -10.65 -31.69 -9.12
CA ALA A 262 -10.62 -32.78 -8.13
C ALA A 262 -10.14 -32.31 -6.76
N GLY A 263 -9.36 -31.23 -6.73
CA GLY A 263 -8.68 -30.80 -5.50
C GLY A 263 -7.63 -31.82 -5.09
N GLN A 264 -7.08 -31.66 -3.89
CA GLN A 264 -6.16 -32.67 -3.35
C GLN A 264 -6.22 -32.78 -1.83
N VAL B 6 9.88 -20.02 -31.09
CA VAL B 6 10.28 -19.58 -29.71
C VAL B 6 10.60 -18.08 -29.70
N THR B 7 10.12 -17.39 -28.69
CA THR B 7 10.33 -15.97 -28.50
C THR B 7 11.80 -15.73 -28.19
N GLU B 8 12.39 -14.78 -28.91
CA GLU B 8 13.78 -14.36 -28.77
C GLU B 8 13.89 -13.13 -27.89
N LEU B 9 15.08 -12.93 -27.34
CA LEU B 9 15.38 -11.69 -26.62
C LEU B 9 16.31 -10.84 -27.49
N HIS B 10 15.84 -9.66 -27.88
CA HIS B 10 16.67 -8.71 -28.65
C HIS B 10 17.19 -7.63 -27.75
N GLU B 11 18.36 -7.10 -28.06
CA GLU B 11 19.03 -6.10 -27.22
C GLU B 11 19.65 -5.01 -28.07
N GLU B 12 19.41 -3.76 -27.69
CA GLU B 12 20.05 -2.62 -28.35
C GLU B 12 20.46 -1.62 -27.28
N ILE B 13 21.72 -1.18 -27.31
CA ILE B 13 22.22 -0.19 -26.35
C ILE B 13 22.61 1.08 -27.12
N ARG B 14 22.03 2.21 -26.74
CA ARG B 14 22.37 3.49 -27.37
C ARG B 14 22.31 4.58 -26.33
N ASP B 15 23.36 5.39 -26.24
CA ASP B 15 23.38 6.58 -25.37
C ASP B 15 22.97 6.30 -23.92
N GLY B 16 23.52 5.22 -23.38
CA GLY B 16 23.29 4.88 -21.98
C GLY B 16 22.00 4.12 -21.67
N VAL B 17 21.18 3.87 -22.67
CA VAL B 17 19.92 3.15 -22.46
C VAL B 17 19.93 1.84 -23.22
N ALA B 18 19.68 0.73 -22.51
CA ALA B 18 19.58 -0.59 -23.13
C ALA B 18 18.11 -0.94 -23.29
N VAL B 19 17.69 -1.30 -24.50
CA VAL B 19 16.32 -1.77 -24.74
C VAL B 19 16.35 -3.28 -24.98
N LEU B 20 15.61 -4.02 -24.14
CA LEU B 20 15.42 -5.45 -24.30
C LEU B 20 14.03 -5.68 -24.87
N THR B 21 13.94 -6.43 -25.96
CA THR B 21 12.65 -6.70 -26.59
C THR B 21 12.34 -8.19 -26.58
N LEU B 22 11.19 -8.53 -26.00
CA LEU B 22 10.65 -9.88 -26.08
C LEU B 22 10.03 -10.03 -27.48
N HIS B 23 10.70 -10.78 -28.35
CA HIS B 23 10.36 -10.81 -29.77
C HIS B 23 9.81 -12.18 -30.19
N GLY B 24 8.49 -12.30 -30.20
CA GLY B 24 7.82 -13.53 -30.65
C GLY B 24 6.53 -13.20 -31.39
N PRO B 25 6.64 -12.64 -32.60
CA PRO B 25 5.47 -12.10 -33.30
C PRO B 25 4.40 -13.09 -33.68
N SER B 26 4.73 -14.38 -33.67
CA SER B 26 3.76 -15.43 -33.99
CA SER B 26 3.73 -15.41 -33.99
C SER B 26 2.97 -15.94 -32.77
N THR B 27 3.34 -15.48 -31.57
CA THR B 27 2.74 -16.01 -30.32
C THR B 27 2.48 -14.91 -29.28
N ARG B 28 2.42 -13.66 -29.71
CA ARG B 28 2.29 -12.54 -28.76
C ARG B 28 3.41 -12.60 -27.71
N ASN B 29 4.61 -12.94 -28.18
CA ASN B 29 5.82 -12.97 -27.36
C ASN B 29 5.68 -13.88 -26.16
N SER B 30 5.21 -15.09 -26.40
CA SER B 30 5.01 -16.07 -25.33
C SER B 30 6.30 -16.34 -24.56
N PHE B 31 6.13 -16.67 -23.29
CA PHE B 31 7.25 -16.94 -22.40
C PHE B 31 7.65 -18.41 -22.40
N THR B 32 8.95 -18.67 -22.34
CA THR B 32 9.45 -20.02 -22.04
C THR B 32 10.55 -19.90 -20.98
N VAL B 33 10.89 -21.01 -20.33
CA VAL B 33 11.95 -21.01 -19.35
C VAL B 33 13.28 -20.53 -19.95
N GLU B 34 13.57 -20.93 -21.18
CA GLU B 34 14.78 -20.49 -21.86
C GLU B 34 14.79 -18.96 -22.07
N LEU B 35 13.66 -18.38 -22.47
CA LEU B 35 13.58 -16.91 -22.55
C LEU B 35 13.88 -16.27 -21.18
N GLY B 36 13.36 -16.88 -20.11
CA GLY B 36 13.61 -16.40 -18.76
C GLY B 36 15.07 -16.47 -18.40
N ARG B 37 15.73 -17.55 -18.79
CA ARG B 37 17.17 -17.68 -18.56
C ARG B 37 17.94 -16.56 -19.29
N GLN B 38 17.57 -16.30 -20.55
CA GLN B 38 18.23 -15.22 -21.30
C GLN B 38 17.98 -13.84 -20.71
N LEU B 39 16.77 -13.62 -20.21
CA LEU B 39 16.45 -12.34 -19.61
C LEU B 39 17.25 -12.11 -18.34
N GLY B 40 17.32 -13.12 -17.48
CA GLY B 40 18.11 -12.99 -16.25
C GLY B 40 19.57 -12.72 -16.55
N ALA B 41 20.11 -13.44 -17.53
CA ALA B 41 21.51 -13.23 -17.93
C ALA B 41 21.73 -11.83 -18.49
N ALA B 42 20.79 -11.31 -19.27
CA ALA B 42 20.92 -9.95 -19.81
C ALA B 42 20.85 -8.93 -18.69
N TYR B 43 19.91 -9.11 -17.75
CA TYR B 43 19.82 -8.20 -16.61
C TYR B 43 21.17 -8.12 -15.90
N GLN B 44 21.80 -9.26 -15.65
CA GLN B 44 23.05 -9.27 -14.89
C GLN B 44 24.18 -8.57 -15.66
N ARG B 45 24.33 -8.91 -16.93
CA ARG B 45 25.34 -8.29 -17.77
C ARG B 45 25.14 -6.80 -17.91
N LEU B 46 23.90 -6.37 -18.17
CA LEU B 46 23.61 -4.94 -18.35
C LEU B 46 23.78 -4.16 -17.03
N ASP B 47 23.45 -4.82 -15.91
CA ASP B 47 23.68 -4.20 -14.61
C ASP B 47 25.16 -3.92 -14.39
N ASP B 48 25.99 -4.88 -14.78
CA ASP B 48 27.44 -4.80 -14.58
C ASP B 48 28.13 -3.86 -15.58
N ASP B 49 27.46 -3.54 -16.68
CA ASP B 49 28.01 -2.67 -17.74
C ASP B 49 27.90 -1.21 -17.31
N PRO B 50 29.05 -0.54 -17.06
CA PRO B 50 28.98 0.83 -16.56
C PRO B 50 28.36 1.83 -17.55
N ALA B 51 28.35 1.49 -18.83
CA ALA B 51 27.81 2.36 -19.87
C ALA B 51 26.27 2.37 -19.87
N VAL B 52 25.64 1.40 -19.21
CA VAL B 52 24.19 1.27 -19.23
C VAL B 52 23.62 1.91 -17.98
N ARG B 53 22.89 3.00 -18.18
CA ARG B 53 22.29 3.75 -17.09
C ARG B 53 20.89 3.28 -16.74
N VAL B 54 20.14 2.81 -17.73
CA VAL B 54 18.75 2.38 -17.56
C VAL B 54 18.49 1.24 -18.54
N ILE B 55 17.68 0.27 -18.10
CA ILE B 55 17.22 -0.81 -18.96
C ILE B 55 15.71 -0.62 -19.20
N VAL B 56 15.28 -0.69 -20.46
CA VAL B 56 13.85 -0.65 -20.81
C VAL B 56 13.49 -2.01 -21.38
N LEU B 57 12.47 -2.65 -20.80
CA LEU B 57 11.97 -3.96 -21.27
C LEU B 57 10.66 -3.76 -21.99
N THR B 58 10.53 -4.32 -23.19
CA THR B 58 9.33 -4.11 -24.00
C THR B 58 9.08 -5.34 -24.86
N GLY B 59 7.94 -5.38 -25.57
CA GLY B 59 7.60 -6.53 -26.43
C GLY B 59 7.44 -6.11 -27.87
N ALA B 60 7.67 -7.06 -28.78
CA ALA B 60 7.36 -6.82 -30.19
C ALA B 60 5.85 -6.56 -30.31
N PRO B 61 5.45 -5.45 -30.96
CA PRO B 61 4.01 -5.19 -31.09
C PRO B 61 3.29 -6.38 -31.73
N PRO B 62 2.03 -6.63 -31.38
CA PRO B 62 1.18 -5.76 -30.56
C PRO B 62 1.09 -6.17 -29.08
N ALA B 63 1.99 -7.04 -28.63
CA ALA B 63 1.90 -7.54 -27.26
C ALA B 63 3.14 -7.17 -26.45
N PHE B 64 3.00 -7.20 -25.13
CA PHE B 64 4.18 -7.23 -24.26
C PHE B 64 4.66 -8.70 -24.13
N CYS B 65 3.86 -9.52 -23.44
CA CYS B 65 4.17 -10.94 -23.28
C CYS B 65 2.92 -11.67 -22.84
N SER B 66 2.50 -12.64 -23.65
CA SER B 66 1.29 -13.40 -23.40
C SER B 66 1.46 -14.52 -22.36
N GLY B 67 2.66 -14.64 -21.78
CA GLY B 67 2.89 -15.63 -20.72
C GLY B 67 3.06 -17.02 -21.25
N ALA B 68 2.87 -18.00 -20.36
CA ALA B 68 2.97 -19.41 -20.72
C ALA B 68 1.79 -19.76 -21.60
N GLN B 69 2.04 -20.39 -22.73
CA GLN B 69 0.98 -20.77 -23.67
CA GLN B 69 0.91 -20.70 -23.61
C GLN B 69 0.07 -21.85 -23.07
N ILE B 70 -1.23 -21.60 -23.00
CA ILE B 70 -2.16 -22.63 -22.52
C ILE B 70 -2.07 -23.85 -23.42
N SER B 71 -1.93 -23.60 -24.72
CA SER B 71 -1.88 -24.68 -25.72
C SER B 71 -0.66 -25.59 -25.54
N ALA B 72 0.35 -25.11 -24.81
CA ALA B 72 1.58 -25.86 -24.60
C ALA B 72 1.61 -26.63 -23.28
N ALA B 73 0.57 -26.48 -22.46
CA ALA B 73 0.58 -27.06 -21.11
C ALA B 73 0.69 -28.58 -21.10
N ALA B 74 -0.05 -29.25 -21.98
CA ALA B 74 -0.07 -30.72 -21.97
C ALA B 74 1.33 -31.30 -22.18
N GLU B 75 2.08 -30.73 -23.12
CA GLU B 75 3.47 -31.15 -23.38
C GLU B 75 4.38 -30.96 -22.16
N THR B 76 4.12 -29.91 -21.38
CA THR B 76 4.88 -29.64 -20.16
C THR B 76 4.60 -30.70 -19.08
N PHE B 77 3.33 -31.00 -18.85
CA PHE B 77 2.93 -31.94 -17.80
C PHE B 77 3.06 -33.42 -18.19
N ALA B 78 3.33 -33.68 -19.47
CA ALA B 78 3.68 -35.02 -19.94
C ALA B 78 5.14 -35.36 -19.63
N ALA B 79 6.00 -34.35 -19.72
CA ALA B 79 7.45 -34.50 -19.54
C ALA B 79 7.84 -34.66 -18.07
N ASN B 82 11.75 -31.08 -14.13
CA ASN B 82 13.09 -30.52 -14.00
C ASN B 82 13.47 -30.38 -12.52
N PRO B 83 14.60 -30.99 -12.11
CA PRO B 83 15.06 -30.83 -10.72
C PRO B 83 15.36 -29.37 -10.33
N ASP B 84 15.66 -28.53 -11.33
CA ASP B 84 15.96 -27.10 -11.09
C ASP B 84 14.78 -26.16 -11.36
N PHE B 85 13.58 -26.72 -11.44
CA PHE B 85 12.37 -25.92 -11.55
C PHE B 85 12.33 -24.82 -10.51
N SER B 86 11.94 -23.62 -10.94
CA SER B 86 11.64 -22.53 -10.02
C SER B 86 10.41 -21.77 -10.50
N ALA B 87 9.62 -21.31 -9.54
CA ALA B 87 8.54 -20.36 -9.89
C ALA B 87 9.05 -18.96 -10.17
N SER B 88 10.37 -18.76 -10.00
CA SER B 88 11.05 -17.50 -10.34
C SER B 88 12.05 -17.77 -11.47
N PRO B 89 11.60 -17.83 -12.74
CA PRO B 89 12.49 -18.27 -13.83
C PRO B 89 13.38 -17.14 -14.37
N VAL B 90 13.27 -15.93 -13.83
CA VAL B 90 14.17 -14.83 -14.20
C VAL B 90 14.95 -14.42 -12.97
N GLN B 91 16.24 -14.70 -12.98
CA GLN B 91 17.12 -14.40 -11.85
C GLN B 91 18.42 -13.88 -12.44
N PRO B 92 18.92 -12.71 -11.97
CA PRO B 92 18.34 -11.87 -10.94
C PRO B 92 17.00 -11.23 -11.37
N ALA B 93 16.17 -10.89 -10.41
CA ALA B 93 14.99 -10.09 -10.71
C ALA B 93 15.42 -8.63 -11.00
N ALA B 94 14.61 -7.91 -11.78
CA ALA B 94 14.93 -6.53 -12.09
C ALA B 94 15.17 -5.70 -10.81
N PHE B 95 14.41 -6.00 -9.74
CA PHE B 95 14.47 -5.19 -8.52
C PHE B 95 15.70 -5.51 -7.67
N GLU B 96 16.49 -6.49 -8.10
CA GLU B 96 17.77 -6.79 -7.44
C GLU B 96 18.93 -6.00 -8.05
N LEU B 97 18.71 -5.33 -9.18
CA LEU B 97 19.80 -4.66 -9.89
C LEU B 97 20.12 -3.30 -9.26
N ARG B 98 21.30 -2.79 -9.56
CA ARG B 98 21.63 -1.39 -9.26
C ARG B 98 21.01 -0.46 -10.30
N THR B 99 20.77 -0.99 -11.51
CA THR B 99 20.36 -0.17 -12.66
C THR B 99 18.83 -0.08 -12.72
N PRO B 100 18.27 1.15 -12.84
CA PRO B 100 16.81 1.29 -13.02
C PRO B 100 16.28 0.48 -14.21
N VAL B 101 15.09 -0.09 -14.05
CA VAL B 101 14.42 -0.86 -15.09
C VAL B 101 13.02 -0.31 -15.28
N ILE B 102 12.70 0.05 -16.53
CA ILE B 102 11.37 0.54 -16.90
C ILE B 102 10.75 -0.50 -17.82
N ALA B 103 9.54 -0.95 -17.47
CA ALA B 103 8.80 -1.87 -18.36
C ALA B 103 7.83 -1.04 -19.21
N ALA B 104 8.13 -1.00 -20.51
CA ALA B 104 7.26 -0.38 -21.52
C ALA B 104 6.29 -1.47 -21.97
N VAL B 105 5.18 -1.56 -21.24
CA VAL B 105 4.21 -2.65 -21.43
C VAL B 105 3.28 -2.21 -22.57
N ASN B 106 3.75 -2.47 -23.79
CA ASN B 106 3.14 -1.89 -25.00
C ASN B 106 1.87 -2.59 -25.47
N GLY B 107 1.47 -3.65 -24.76
CA GLY B 107 0.29 -4.41 -25.13
C GLY B 107 0.12 -5.54 -24.15
N HIS B 108 -0.67 -6.54 -24.56
CA HIS B 108 -1.12 -7.59 -23.66
C HIS B 108 -0.01 -8.15 -22.80
N ALA B 109 -0.30 -8.31 -21.52
CA ALA B 109 0.65 -8.92 -20.58
C ALA B 109 -0.16 -9.82 -19.65
N ILE B 110 0.06 -11.13 -19.83
CA ILE B 110 -0.79 -12.15 -19.19
C ILE B 110 0.08 -13.14 -18.43
N GLY B 111 -0.34 -13.50 -17.22
CA GLY B 111 0.35 -14.56 -16.48
C GLY B 111 1.73 -14.10 -16.12
N ILE B 112 2.73 -14.94 -16.42
CA ILE B 112 4.10 -14.56 -16.14
C ILE B 112 4.52 -13.33 -16.96
N GLY B 113 3.84 -13.08 -18.09
CA GLY B 113 4.10 -11.85 -18.82
C GLY B 113 3.83 -10.63 -17.96
N MET B 114 2.78 -10.68 -17.14
CA MET B 114 2.51 -9.63 -16.18
C MET B 114 3.38 -9.72 -14.93
N THR B 115 3.51 -10.91 -14.35
CA THR B 115 4.26 -10.99 -13.10
C THR B 115 5.73 -10.58 -13.28
N LEU B 116 6.34 -10.87 -14.44
CA LEU B 116 7.71 -10.38 -14.68
CA LEU B 116 7.71 -10.42 -14.68
C LEU B 116 7.74 -8.88 -14.88
N ALA B 117 6.70 -8.31 -15.48
CA ALA B 117 6.65 -6.85 -15.61
C ALA B 117 6.59 -6.17 -14.23
N LEU B 118 5.97 -6.85 -13.24
CA LEU B 118 5.90 -6.31 -11.87
C LEU B 118 7.26 -6.20 -11.21
N HIS B 119 8.30 -6.80 -11.78
CA HIS B 119 9.64 -6.63 -11.20
C HIS B 119 10.26 -5.26 -11.47
N ALA B 120 9.80 -4.58 -12.53
CA ALA B 120 10.40 -3.30 -12.93
C ALA B 120 10.12 -2.20 -11.90
N ASP B 121 10.96 -1.18 -11.90
CA ASP B 121 10.74 -0.01 -11.05
C ASP B 121 9.52 0.78 -11.49
N ILE B 122 9.32 0.88 -12.79
CA ILE B 122 8.31 1.76 -13.38
C ILE B 122 7.62 0.97 -14.49
N ARG B 123 6.30 1.08 -14.57
CA ARG B 123 5.52 0.47 -15.66
C ARG B 123 4.68 1.51 -16.37
N ILE B 124 4.78 1.52 -17.70
CA ILE B 124 3.84 2.29 -18.52
C ILE B 124 3.04 1.27 -19.31
N LEU B 125 1.72 1.32 -19.21
CA LEU B 125 0.85 0.29 -19.84
C LEU B 125 0.02 0.87 -20.99
N ALA B 126 -0.16 0.05 -22.03
CA ALA B 126 -1.03 0.37 -23.15
C ALA B 126 -2.51 0.33 -22.76
N GLU B 127 -3.23 1.39 -23.12
CA GLU B 127 -4.66 1.48 -22.82
C GLU B 127 -5.48 0.35 -23.44
N GLU B 128 -5.01 -0.17 -24.58
CA GLU B 128 -5.73 -1.20 -25.33
C GLU B 128 -5.40 -2.61 -24.89
N GLY B 129 -4.42 -2.76 -23.99
CA GLY B 129 -3.97 -4.11 -23.61
C GLY B 129 -4.90 -4.88 -22.71
N ARG B 130 -4.84 -6.21 -22.83
CA ARG B 130 -5.45 -7.13 -21.85
C ARG B 130 -4.38 -7.51 -20.82
N TYR B 131 -4.72 -7.37 -19.54
CA TYR B 131 -3.81 -7.64 -18.42
C TYR B 131 -4.51 -8.58 -17.46
N ALA B 132 -3.81 -9.61 -17.01
CA ALA B 132 -4.39 -10.58 -16.07
C ALA B 132 -3.27 -11.42 -15.52
N ILE B 133 -3.54 -11.98 -14.33
CA ILE B 133 -2.67 -12.97 -13.70
C ILE B 133 -3.60 -14.17 -13.41
N PRO B 134 -3.90 -14.99 -14.44
CA PRO B 134 -4.95 -15.98 -14.34
C PRO B 134 -4.54 -17.38 -13.92
N GLN B 135 -3.33 -17.54 -13.42
CA GLN B 135 -2.79 -18.86 -13.08
C GLN B 135 -3.73 -19.75 -12.26
N VAL B 136 -4.44 -19.19 -11.27
CA VAL B 136 -5.33 -20.05 -10.44
C VAL B 136 -6.48 -20.65 -11.24
N ARG B 137 -6.85 -20.03 -12.37
CA ARG B 137 -7.92 -20.54 -13.22
C ARG B 137 -7.45 -21.75 -14.04
N PHE B 138 -6.14 -21.99 -14.01
CA PHE B 138 -5.54 -23.12 -14.72
C PHE B 138 -4.94 -24.17 -13.79
N GLY B 139 -5.23 -24.09 -12.50
CA GLY B 139 -4.74 -25.09 -11.56
C GLY B 139 -3.30 -24.96 -11.15
N VAL B 140 -2.70 -23.79 -11.41
CA VAL B 140 -1.39 -23.46 -10.84
C VAL B 140 -1.59 -22.22 -9.94
N ALA B 141 -0.60 -21.34 -9.82
CA ALA B 141 -0.72 -20.20 -8.89
C ALA B 141 0.15 -19.08 -9.39
N PRO B 142 -0.02 -17.87 -8.84
CA PRO B 142 0.84 -16.77 -9.27
C PRO B 142 2.31 -17.10 -9.07
N ASP B 143 3.15 -16.52 -9.92
CA ASP B 143 4.57 -16.86 -9.97
C ASP B 143 5.42 -15.59 -10.02
N ALA B 144 6.73 -15.77 -10.13
CA ALA B 144 7.70 -14.66 -10.22
C ALA B 144 7.45 -13.62 -9.12
N LEU B 145 7.22 -14.09 -7.91
CA LEU B 145 7.11 -13.23 -6.72
C LEU B 145 5.89 -12.35 -6.71
N ALA B 146 4.86 -12.64 -7.50
CA ALA B 146 3.65 -11.83 -7.49
C ALA B 146 2.98 -11.76 -6.13
N HIS B 147 3.11 -12.79 -5.30
CA HIS B 147 2.50 -12.74 -3.96
C HIS B 147 3.12 -11.66 -3.07
N TRP B 148 4.33 -11.24 -3.42
CA TRP B 148 5.14 -10.25 -2.70
C TRP B 148 5.10 -8.90 -3.40
N THR B 149 5.29 -8.87 -4.73
CA THR B 149 5.30 -7.56 -5.43
C THR B 149 3.91 -6.91 -5.44
N LEU B 150 2.85 -7.70 -5.65
CA LEU B 150 1.56 -7.10 -5.98
C LEU B 150 0.91 -6.36 -4.79
N PRO B 151 0.86 -6.94 -3.56
CA PRO B 151 0.28 -6.15 -2.46
C PRO B 151 1.07 -4.88 -2.16
N ARG B 152 2.37 -4.88 -2.48
CA ARG B 152 3.22 -3.72 -2.26
C ARG B 152 2.97 -2.62 -3.32
N LEU B 153 2.17 -2.92 -4.34
CA LEU B 153 1.73 -1.93 -5.34
C LEU B 153 0.33 -1.44 -5.07
N VAL B 154 -0.60 -2.37 -4.84
CA VAL B 154 -2.02 -2.05 -4.91
C VAL B 154 -2.78 -2.30 -3.61
N GLY B 155 -2.06 -2.78 -2.60
CA GLY B 155 -2.70 -3.17 -1.33
C GLY B 155 -3.30 -4.56 -1.39
N THR B 156 -3.69 -5.11 -0.24
CA THR B 156 -4.05 -6.54 -0.20
C THR B 156 -5.35 -6.87 -0.91
N ALA B 157 -6.29 -5.93 -0.97
CA ALA B 157 -7.61 -6.26 -1.53
C ALA B 157 -7.59 -6.33 -3.04
N VAL B 158 -6.97 -5.34 -3.68
CA VAL B 158 -6.84 -5.42 -5.13
C VAL B 158 -5.93 -6.63 -5.47
N ALA B 159 -4.87 -6.86 -4.68
CA ALA B 159 -4.01 -8.00 -4.92
C ALA B 159 -4.79 -9.32 -4.81
N ALA B 160 -5.58 -9.48 -3.75
CA ALA B 160 -6.36 -10.71 -3.58
C ALA B 160 -7.35 -10.89 -4.72
N GLU B 161 -8.01 -9.84 -5.17
CA GLU B 161 -8.91 -9.98 -6.28
C GLU B 161 -8.17 -10.46 -7.53
N LEU B 162 -7.07 -9.83 -7.87
CA LEU B 162 -6.39 -10.20 -9.11
C LEU B 162 -5.83 -11.61 -9.01
N LEU B 163 -5.26 -11.99 -7.86
CA LEU B 163 -4.61 -13.30 -7.74
C LEU B 163 -5.59 -14.44 -7.51
N LEU B 164 -6.67 -14.21 -6.75
CA LEU B 164 -7.63 -15.29 -6.44
C LEU B 164 -8.70 -15.50 -7.49
N THR B 165 -9.02 -14.46 -8.27
CA THR B 165 -10.00 -14.62 -9.34
C THR B 165 -9.35 -14.73 -10.70
N GLY B 166 -8.12 -14.23 -10.86
CA GLY B 166 -7.50 -14.22 -12.17
C GLY B 166 -8.13 -13.26 -13.16
N ALA B 167 -8.92 -12.31 -12.67
CA ALA B 167 -9.66 -11.43 -13.58
C ALA B 167 -8.75 -10.50 -14.35
N SER B 168 -9.21 -10.13 -15.53
CA SER B 168 -8.55 -9.11 -16.32
C SER B 168 -8.80 -7.73 -15.75
N PHE B 169 -7.88 -6.80 -16.03
CA PHE B 169 -7.99 -5.43 -15.59
C PHE B 169 -7.40 -4.52 -16.66
N SER B 170 -7.87 -3.27 -16.66
CA SER B 170 -7.45 -2.32 -17.65
C SER B 170 -6.19 -1.58 -17.22
N ALA B 171 -5.51 -0.97 -18.20
CA ALA B 171 -4.39 -0.08 -17.91
C ALA B 171 -4.81 1.06 -16.97
N GLN B 172 -6.00 1.60 -17.20
CA GLN B 172 -6.48 2.71 -16.35
C GLN B 172 -6.65 2.25 -14.90
N ARG B 173 -7.22 1.06 -14.70
CA ARG B 173 -7.35 0.53 -13.34
CA ARG B 173 -7.36 0.45 -13.37
C ARG B 173 -5.96 0.26 -12.76
N ALA B 174 -5.02 -0.22 -13.58
CA ALA B 174 -3.63 -0.39 -13.11
C ALA B 174 -3.02 0.91 -12.59
N VAL B 175 -3.26 2.01 -13.27
CA VAL B 175 -2.76 3.31 -12.80
C VAL B 175 -3.51 3.76 -11.52
N GLU B 176 -4.84 3.63 -11.53
CA GLU B 176 -5.64 4.05 -10.37
C GLU B 176 -5.24 3.34 -9.07
N THR B 177 -4.86 2.07 -9.19
CA THR B 177 -4.56 1.25 -8.00
C THR B 177 -3.09 1.28 -7.57
N GLY B 178 -2.19 1.76 -8.44
CA GLY B 178 -0.78 1.84 -8.09
C GLY B 178 0.08 0.78 -8.75
N LEU B 179 -0.52 -0.12 -9.55
CA LEU B 179 0.29 -1.13 -10.25
C LEU B 179 1.17 -0.49 -11.33
N ALA B 180 0.61 0.47 -12.06
CA ALA B 180 1.29 1.13 -13.18
C ALA B 180 1.48 2.60 -12.85
N ASN B 181 2.52 3.17 -13.45
CA ASN B 181 2.82 4.60 -13.28
C ASN B 181 2.05 5.48 -14.23
N ARG B 182 1.72 4.98 -15.41
CA ARG B 182 1.08 5.76 -16.46
C ARG B 182 0.45 4.80 -17.44
N CYS B 183 -0.61 5.27 -18.11
CA CYS B 183 -1.16 4.54 -19.23
C CYS B 183 -1.26 5.46 -20.44
N LEU B 184 -1.04 4.88 -21.61
CA LEU B 184 -1.01 5.62 -22.88
C LEU B 184 -1.53 4.73 -23.99
N PRO B 185 -1.95 5.31 -25.13
CA PRO B 185 -2.19 4.46 -26.29
C PRO B 185 -0.94 3.62 -26.57
N ALA B 186 -1.19 2.38 -27.00
CA ALA B 186 -0.13 1.40 -27.21
C ALA B 186 1.05 1.96 -27.96
N GLY B 187 0.79 2.64 -29.08
CA GLY B 187 1.86 3.13 -29.95
C GLY B 187 2.69 4.27 -29.38
N LYS B 188 2.31 4.77 -28.20
CA LYS B 188 3.04 5.84 -27.52
C LYS B 188 3.83 5.34 -26.30
N VAL B 189 3.58 4.10 -25.88
CA VAL B 189 4.16 3.57 -24.64
C VAL B 189 5.70 3.52 -24.68
N LEU B 190 6.28 2.92 -25.72
CA LEU B 190 7.72 2.78 -25.77
C LEU B 190 8.41 4.16 -25.82
N GLY B 191 7.88 5.08 -26.63
CA GLY B 191 8.48 6.42 -26.74
C GLY B 191 8.48 7.13 -25.39
N ALA B 192 7.41 6.99 -24.62
CA ALA B 192 7.35 7.63 -23.31
C ALA B 192 8.36 7.00 -22.36
N ALA B 193 8.46 5.67 -22.38
CA ALA B 193 9.45 4.99 -21.55
C ALA B 193 10.87 5.43 -21.90
N LEU B 194 11.16 5.58 -23.20
CA LEU B 194 12.48 6.00 -23.65
C LEU B 194 12.79 7.43 -23.24
N ARG B 195 11.80 8.32 -23.28
CA ARG B 195 12.03 9.69 -22.80
C ARG B 195 12.36 9.68 -21.32
N MET B 196 11.66 8.86 -20.54
CA MET B 196 11.95 8.75 -19.13
CA MET B 196 11.95 8.73 -19.11
C MET B 196 13.34 8.17 -18.88
N ALA B 197 13.70 7.13 -19.65
CA ALA B 197 15.00 6.50 -19.52
C ALA B 197 16.12 7.47 -19.84
N HIS B 198 15.97 8.24 -20.92
CA HIS B 198 17.02 9.19 -21.30
C HIS B 198 17.10 10.36 -20.32
N ASP B 199 16.00 10.71 -19.67
CA ASP B 199 16.07 11.72 -18.63
C ASP B 199 16.87 11.22 -17.42
N ILE B 200 16.70 9.96 -17.01
CA ILE B 200 17.53 9.37 -15.96
C ILE B 200 19.00 9.35 -16.41
N ALA B 201 19.25 8.85 -17.63
CA ALA B 201 20.65 8.73 -18.09
C ALA B 201 21.35 10.07 -18.13
N THR B 202 20.63 11.12 -18.49
CA THR B 202 21.19 12.47 -18.63
C THR B 202 21.30 13.16 -17.29
N ASN B 203 20.24 13.10 -16.49
CA ASN B 203 20.08 14.04 -15.36
C ASN B 203 20.15 13.45 -13.96
N VAL B 204 20.32 12.14 -13.88
CA VAL B 204 20.37 11.46 -12.58
C VAL B 204 21.78 10.86 -12.43
N ALA B 205 22.44 11.13 -11.29
CA ALA B 205 23.81 10.63 -11.12
C ALA B 205 23.81 9.09 -11.03
N PRO B 206 24.81 8.43 -11.62
CA PRO B 206 24.81 6.94 -11.61
C PRO B 206 24.80 6.30 -10.23
N GLU B 207 25.67 6.76 -9.34
CA GLU B 207 25.73 6.14 -8.02
C GLU B 207 24.53 6.53 -7.17
N SER B 208 23.98 7.73 -7.39
CA SER B 208 22.75 8.14 -6.71
C SER B 208 21.59 7.17 -7.07
N ALA B 209 21.42 6.87 -8.35
CA ALA B 209 20.38 5.93 -8.79
C ALA B 209 20.62 4.56 -8.17
N ALA B 210 21.86 4.08 -8.23
CA ALA B 210 22.16 2.74 -7.74
C ALA B 210 21.87 2.60 -6.24
N LEU B 211 22.34 3.54 -5.43
CA LEU B 211 22.18 3.43 -3.98
C LEU B 211 20.72 3.59 -3.57
N THR B 212 20.02 4.49 -4.26
CA THR B 212 18.58 4.73 -4.00
C THR B 212 17.76 3.48 -4.36
N LYS B 213 17.97 2.94 -5.57
CA LYS B 213 17.24 1.74 -5.98
C LYS B 213 17.49 0.59 -5.00
N ARG B 214 18.76 0.39 -4.64
CA ARG B 214 19.09 -0.75 -3.78
C ARG B 214 18.57 -0.60 -2.37
N LEU B 215 18.57 0.62 -1.82
CA LEU B 215 18.02 0.77 -0.48
C LEU B 215 16.50 0.60 -0.51
N LEU B 216 15.85 1.23 -1.48
CA LEU B 216 14.40 1.08 -1.61
C LEU B 216 14.00 -0.40 -1.63
N TRP B 217 14.61 -1.16 -2.53
CA TRP B 217 14.22 -2.55 -2.69
C TRP B 217 14.78 -3.46 -1.61
N ASP B 218 16.04 -3.29 -1.19
CA ASP B 218 16.56 -4.13 -0.10
C ASP B 218 15.67 -4.02 1.14
N ALA B 219 15.22 -2.80 1.46
CA ALA B 219 14.39 -2.62 2.64
C ALA B 219 13.06 -3.36 2.51
N GLN B 220 12.47 -3.39 1.32
CA GLN B 220 11.28 -4.17 1.08
C GLN B 220 11.57 -5.66 1.17
N MET B 221 12.64 -6.11 0.52
CA MET B 221 12.97 -7.52 0.44
C MET B 221 13.21 -8.15 1.79
N THR B 222 13.89 -7.45 2.69
CA THR B 222 14.33 -8.04 3.94
C THR B 222 13.56 -7.51 5.13
N GLY B 223 12.58 -6.63 4.92
CA GLY B 223 11.82 -6.04 6.03
C GLY B 223 12.67 -5.25 7.01
N MET B 224 13.59 -4.45 6.48
CA MET B 224 14.43 -3.61 7.33
C MET B 224 13.59 -2.69 8.22
N SER B 225 14.02 -2.53 9.46
CA SER B 225 13.38 -1.57 10.37
C SER B 225 13.60 -0.13 9.92
N ALA B 226 12.78 0.79 10.40
CA ALA B 226 13.03 2.21 10.14
C ALA B 226 14.44 2.63 10.57
N ALA B 227 14.88 2.19 11.76
CA ALA B 227 16.22 2.52 12.21
C ALA B 227 17.29 2.03 11.24
N GLU B 228 17.14 0.82 10.72
CA GLU B 228 18.14 0.26 9.78
C GLU B 228 18.13 1.06 8.47
N VAL B 229 16.95 1.41 7.97
CA VAL B 229 16.89 2.21 6.75
C VAL B 229 17.55 3.58 6.98
N ALA B 230 17.27 4.21 8.12
CA ALA B 230 17.84 5.53 8.39
C ALA B 230 19.38 5.47 8.45
N ALA B 231 19.91 4.40 9.03
CA ALA B 231 21.38 4.25 9.13
C ALA B 231 21.98 4.05 7.72
N ARG B 232 21.31 3.28 6.87
CA ARG B 232 21.80 3.10 5.48
C ARG B 232 21.75 4.41 4.70
N GLU B 233 20.70 5.22 4.88
CA GLU B 233 20.65 6.52 4.20
C GLU B 233 21.87 7.35 4.62
N THR B 234 22.19 7.36 5.92
CA THR B 234 23.34 8.11 6.38
C THR B 234 24.63 7.60 5.73
N ALA B 235 24.82 6.28 5.71
CA ALA B 235 26.00 5.69 5.08
C ALA B 235 26.08 6.04 3.59
N ASP B 236 24.95 5.95 2.90
CA ASP B 236 24.91 6.24 1.47
C ASP B 236 25.23 7.72 1.24
N HIS B 237 24.71 8.58 2.09
CA HIS B 237 25.06 9.99 1.98
C HIS B 237 26.55 10.25 2.18
N LEU B 238 27.17 9.60 3.16
CA LEU B 238 28.61 9.82 3.36
C LEU B 238 29.40 9.35 2.14
N ARG B 239 28.97 8.27 1.50
CA ARG B 239 29.59 7.79 0.28
C ARG B 239 29.44 8.79 -0.87
N LEU B 240 28.24 9.33 -1.04
CA LEU B 240 27.94 10.20 -2.16
C LEU B 240 28.50 11.61 -2.01
N MET B 241 28.42 12.16 -0.80
CA MET B 241 28.82 13.56 -0.58
C MET B 241 30.32 13.78 -0.79
N GLY B 242 31.12 12.72 -0.65
CA GLY B 242 32.56 12.81 -0.89
C GLY B 242 32.96 12.39 -2.29
N SER B 243 32.04 12.54 -3.26
CA SER B 243 32.34 12.16 -4.63
CA SER B 243 32.27 12.14 -4.65
C SER B 243 32.09 13.31 -5.61
N GLN B 244 32.72 13.21 -6.78
CA GLN B 244 32.66 14.24 -7.82
C GLN B 244 31.24 14.64 -8.23
N ASP B 245 30.37 13.65 -8.37
CA ASP B 245 29.03 13.93 -8.87
C ASP B 245 28.19 14.77 -7.91
N ALA B 246 28.48 14.72 -6.62
CA ALA B 246 27.79 15.58 -5.65
C ALA B 246 28.17 17.06 -5.79
N ALA B 247 29.31 17.31 -6.43
CA ALA B 247 29.71 18.67 -6.77
C ALA B 247 29.16 19.08 -8.14
N GLU B 248 29.23 18.14 -9.07
CA GLU B 248 28.82 18.40 -10.44
C GLU B 248 27.31 18.63 -10.58
N GLY B 249 26.49 17.88 -9.84
CA GLY B 249 25.02 18.05 -9.94
C GLY B 249 24.58 19.49 -9.71
N PRO B 250 24.94 20.06 -8.56
CA PRO B 250 24.57 21.45 -8.34
C PRO B 250 25.25 22.44 -9.29
N ARG B 251 26.52 22.22 -9.61
CA ARG B 251 27.25 23.10 -10.54
C ARG B 251 26.59 23.16 -11.90
N ALA B 252 26.26 22.00 -12.45
CA ALA B 252 25.58 21.94 -13.74
C ALA B 252 24.20 22.60 -13.72
N PHE B 253 23.44 22.35 -12.66
CA PHE B 253 22.12 22.96 -12.46
C PHE B 253 22.19 24.51 -12.45
N ILE B 254 23.16 25.05 -11.73
CA ILE B 254 23.34 26.50 -11.62
C ILE B 254 23.76 27.12 -12.96
N ASP B 255 24.37 26.31 -13.82
CA ASP B 255 24.70 26.74 -15.19
C ASP B 255 23.62 26.45 -16.21
N GLY B 256 22.57 25.74 -15.80
CA GLY B 256 21.62 25.22 -16.77
C GLY B 256 22.38 24.58 -17.93
N ARG B 257 23.26 23.63 -17.59
CA ARG B 257 23.92 22.78 -18.59
C ARG B 257 23.71 21.32 -18.18
N PRO B 258 23.77 20.38 -19.13
CA PRO B 258 23.69 18.97 -18.72
C PRO B 258 24.88 18.60 -17.84
N PRO B 259 24.64 17.81 -16.78
CA PRO B 259 25.75 17.39 -15.95
C PRO B 259 26.66 16.40 -16.67
N ARG B 260 27.93 16.39 -16.31
CA ARG B 260 28.90 15.46 -16.86
C ARG B 260 29.26 14.48 -15.75
N TRP B 261 28.50 13.39 -15.66
CA TRP B 261 28.66 12.49 -14.53
C TRP B 261 29.92 11.65 -14.67
N ALA B 262 30.55 11.37 -13.54
CA ALA B 262 31.71 10.48 -13.49
C ALA B 262 31.34 9.10 -12.92
N GLY B 263 30.24 9.02 -12.18
CA GLY B 263 29.94 7.84 -11.38
C GLY B 263 30.95 7.73 -10.25
N GLN B 264 31.00 6.56 -9.61
CA GLN B 264 31.88 6.39 -8.46
C GLN B 264 32.56 5.02 -8.48
N SER C 4 22.77 37.63 9.81
CA SER C 4 22.40 36.74 8.66
C SER C 4 21.13 35.94 8.98
N MET C 5 20.08 36.27 8.26
CA MET C 5 18.77 35.68 8.54
C MET C 5 18.69 34.23 8.09
N VAL C 6 17.81 33.51 8.76
CA VAL C 6 17.68 32.06 8.59
C VAL C 6 16.20 31.79 8.41
N THR C 7 15.87 30.57 8.01
CA THR C 7 14.49 30.14 8.13
C THR C 7 14.22 29.93 9.61
N GLU C 8 13.25 30.68 10.11
CA GLU C 8 12.93 30.72 11.51
C GLU C 8 11.83 29.71 11.82
N LEU C 9 11.86 29.15 13.01
CA LEU C 9 10.78 28.27 13.44
C LEU C 9 9.86 29.05 14.38
N HIS C 10 8.67 29.38 13.93
CA HIS C 10 7.68 30.08 14.76
C HIS C 10 6.69 29.09 15.35
N GLU C 11 6.13 29.43 16.51
CA GLU C 11 5.23 28.55 17.22
C GLU C 11 4.07 29.33 17.83
N GLU C 12 2.85 28.84 17.64
CA GLU C 12 1.68 29.43 18.30
C GLU C 12 0.79 28.31 18.80
N ILE C 13 0.42 28.32 20.08
CA ILE C 13 -0.48 27.33 20.64
C ILE C 13 -1.78 28.01 21.07
N ARG C 14 -2.91 27.52 20.56
CA ARG C 14 -4.22 28.06 20.93
C ARG C 14 -5.26 26.94 20.87
N ASP C 15 -6.06 26.84 21.94
CA ASP C 15 -7.18 25.90 22.00
C ASP C 15 -6.77 24.46 21.64
N GLY C 16 -5.62 24.06 22.15
CA GLY C 16 -5.17 22.68 21.99
C GLY C 16 -4.43 22.36 20.70
N VAL C 17 -4.26 23.35 19.83
CA VAL C 17 -3.55 23.11 18.56
C VAL C 17 -2.31 23.97 18.50
N ALA C 18 -1.16 23.34 18.27
CA ALA C 18 0.11 24.03 18.08
C ALA C 18 0.41 24.13 16.60
N VAL C 19 0.65 25.34 16.12
CA VAL C 19 1.09 25.58 14.75
C VAL C 19 2.58 25.92 14.74
N LEU C 20 3.37 25.11 14.03
CA LEU C 20 4.77 25.40 13.77
C LEU C 20 4.90 25.91 12.35
N THR C 21 5.54 27.06 12.17
CA THR C 21 5.70 27.65 10.83
C THR C 21 7.17 27.74 10.49
N LEU C 22 7.51 27.22 9.31
CA LEU C 22 8.84 27.38 8.72
C LEU C 22 8.84 28.74 8.02
N HIS C 23 9.38 29.72 8.74
CA HIS C 23 9.26 31.12 8.34
C HIS C 23 10.57 31.61 7.77
N GLY C 24 10.72 31.43 6.47
CA GLY C 24 11.95 31.88 5.81
C GLY C 24 11.67 32.46 4.44
N PRO C 25 10.84 33.50 4.36
CA PRO C 25 10.47 33.95 3.00
C PRO C 25 11.67 34.37 2.12
N SER C 26 12.77 34.85 2.71
CA SER C 26 13.98 35.20 1.91
C SER C 26 14.56 34.03 1.13
N THR C 27 14.32 32.80 1.61
CA THR C 27 14.84 31.63 0.91
C THR C 27 13.78 30.61 0.58
N ARG C 28 12.52 31.04 0.53
CA ARG C 28 11.38 30.10 0.33
C ARG C 28 11.41 28.99 1.38
N ASN C 29 11.71 29.41 2.61
CA ASN C 29 11.69 28.56 3.79
C ASN C 29 12.66 27.39 3.65
N SER C 30 13.88 27.67 3.19
CA SER C 30 14.87 26.62 3.01
C SER C 30 15.22 25.92 4.30
N PHE C 31 15.67 24.68 4.18
CA PHE C 31 16.03 23.86 5.33
C PHE C 31 17.53 23.88 5.60
N THR C 32 17.89 23.86 6.88
CA THR C 32 19.28 23.70 7.31
C THR C 32 19.31 22.72 8.46
N VAL C 33 20.50 22.19 8.76
CA VAL C 33 20.67 21.29 9.90
C VAL C 33 20.20 21.92 11.22
N GLU C 34 20.49 23.21 11.40
CA GLU C 34 20.03 23.91 12.61
C GLU C 34 18.51 24.02 12.71
N LEU C 35 17.84 24.30 11.59
CA LEU C 35 16.37 24.28 11.59
C LEU C 35 15.86 22.89 11.98
N GLY C 36 16.53 21.86 11.46
CA GLY C 36 16.17 20.48 11.82
C GLY C 36 16.30 20.20 13.30
N ARG C 37 17.38 20.70 13.91
CA ARG C 37 17.58 20.55 15.35
C ARG C 37 16.44 21.24 16.12
N GLN C 38 16.07 22.45 15.68
CA GLN C 38 15.00 23.20 16.33
C GLN C 38 13.65 22.51 16.18
N LEU C 39 13.38 21.98 14.97
CA LEU C 39 12.13 21.26 14.72
C LEU C 39 12.01 19.99 15.59
N GLY C 40 13.07 19.21 15.68
CA GLY C 40 13.06 18.02 16.53
C GLY C 40 12.80 18.38 17.99
N ALA C 41 13.45 19.45 18.45
CA ALA C 41 13.27 19.87 19.83
C ALA C 41 11.86 20.38 20.08
N ALA C 42 11.29 21.12 19.13
CA ALA C 42 9.91 21.57 19.26
C ALA C 42 8.92 20.40 19.24
N TYR C 43 9.13 19.43 18.35
CA TYR C 43 8.29 18.22 18.34
C TYR C 43 8.30 17.52 19.71
N GLN C 44 9.48 17.37 20.31
CA GLN C 44 9.55 16.69 21.62
C GLN C 44 8.83 17.48 22.71
N ARG C 45 9.07 18.78 22.78
CA ARG C 45 8.43 19.60 23.81
C ARG C 45 6.92 19.61 23.63
N LEU C 46 6.45 19.77 22.39
CA LEU C 46 5.01 19.85 22.14
C LEU C 46 4.35 18.49 22.38
N ASP C 47 5.06 17.41 22.10
CA ASP C 47 4.53 16.07 22.38
C ASP C 47 4.32 15.93 23.89
N ASP C 48 5.29 16.41 24.66
CA ASP C 48 5.24 16.30 26.12
C ASP C 48 4.25 17.25 26.77
N ASP C 49 3.82 18.30 26.07
CA ASP C 49 2.89 19.31 26.60
C ASP C 49 1.46 18.78 26.54
N PRO C 50 0.84 18.52 27.71
CA PRO C 50 -0.49 17.91 27.72
C PRO C 50 -1.59 18.78 27.10
N ALA C 51 -1.32 20.07 27.03
CA ALA C 51 -2.24 21.06 26.46
C ALA C 51 -2.31 21.00 24.93
N VAL C 52 -1.33 20.34 24.32
CA VAL C 52 -1.24 20.28 22.86
C VAL C 52 -1.83 18.94 22.37
N ARG C 53 -2.99 19.02 21.72
CA ARG C 53 -3.67 17.84 21.20
C ARG C 53 -3.21 17.47 19.80
N VAL C 54 -2.81 18.47 19.00
CA VAL C 54 -2.42 18.26 17.59
C VAL C 54 -1.35 19.30 17.28
N ILE C 55 -0.38 18.91 16.46
CA ILE C 55 0.64 19.82 15.91
C ILE C 55 0.38 19.97 14.41
N VAL C 56 0.32 21.21 13.93
CA VAL C 56 0.21 21.49 12.50
C VAL C 56 1.53 22.15 12.07
N LEU C 57 2.18 21.56 11.06
CA LEU C 57 3.40 22.12 10.47
C LEU C 57 3.07 22.77 9.15
N THR C 58 3.55 24.00 8.96
CA THR C 58 3.22 24.76 7.74
C THR C 58 4.37 25.70 7.40
N GLY C 59 4.31 26.31 6.22
CA GLY C 59 5.35 27.26 5.79
C GLY C 59 4.83 28.69 5.62
N ALA C 60 5.72 29.66 5.77
CA ALA C 60 5.38 31.04 5.44
C ALA C 60 5.00 31.13 3.97
N PRO C 61 3.81 31.67 3.64
CA PRO C 61 3.41 31.73 2.24
C PRO C 61 4.46 32.46 1.36
N PRO C 62 4.61 32.03 0.09
CA PRO C 62 3.80 31.03 -0.62
C PRO C 62 4.38 29.62 -0.64
N ALA C 63 5.47 29.37 0.08
CA ALA C 63 6.16 28.06 0.04
C ALA C 63 5.84 27.23 1.26
N PHE C 64 6.01 25.91 1.16
CA PHE C 64 6.13 25.10 2.38
C PHE C 64 7.59 25.05 2.78
N CYS C 65 8.43 24.39 1.97
CA CYS C 65 9.87 24.31 2.27
C CYS C 65 10.59 23.96 0.98
N SER C 66 11.49 24.84 0.54
CA SER C 66 12.23 24.67 -0.72
C SER C 66 13.42 23.71 -0.61
N GLY C 67 13.61 23.12 0.57
CA GLY C 67 14.65 22.12 0.77
C GLY C 67 16.03 22.70 1.06
N ALA C 68 17.07 21.91 0.85
CA ALA C 68 18.44 22.29 1.17
C ALA C 68 19.00 23.28 0.15
N GLN C 69 19.88 24.15 0.63
CA GLN C 69 20.59 25.06 -0.25
C GLN C 69 21.57 24.30 -1.13
N ILE C 70 21.71 24.74 -2.37
CA ILE C 70 22.69 24.15 -3.27
C ILE C 70 23.79 25.19 -3.56
N SER C 71 24.95 24.72 -4.00
CA SER C 71 26.09 25.61 -4.21
C SER C 71 26.92 25.23 -5.44
N ALA C 72 27.55 26.23 -6.06
CA ALA C 72 28.39 26.02 -7.23
C ALA C 72 29.87 25.93 -6.87
N PHE C 85 26.78 14.00 11.75
CA PHE C 85 26.00 13.97 10.51
C PHE C 85 25.02 12.82 10.44
N SER C 86 23.80 13.16 10.04
CA SER C 86 22.75 12.16 9.79
C SER C 86 21.93 12.56 8.59
N ALA C 87 21.49 11.56 7.82
CA ALA C 87 20.51 11.85 6.78
C ALA C 87 19.10 12.02 7.36
N SER C 88 18.96 11.85 8.68
CA SER C 88 17.70 12.11 9.39
C SER C 88 17.91 13.30 10.34
N PRO C 89 17.80 14.53 9.83
CA PRO C 89 18.16 15.71 10.63
C PRO C 89 17.08 16.21 11.60
N VAL C 90 15.92 15.56 11.65
CA VAL C 90 14.85 15.89 12.57
C VAL C 90 14.58 14.68 13.45
N GLN C 91 14.96 14.76 14.71
CA GLN C 91 14.75 13.70 15.68
C GLN C 91 14.26 14.34 16.98
N PRO C 92 13.16 13.84 17.58
CA PRO C 92 12.35 12.74 17.07
C PRO C 92 11.61 13.13 15.79
N ALA C 93 11.30 12.12 14.98
CA ALA C 93 10.45 12.32 13.81
C ALA C 93 8.99 12.47 14.24
N ALA C 94 8.19 13.14 13.41
CA ALA C 94 6.79 13.34 13.74
C ALA C 94 6.08 12.01 14.02
N PHE C 95 6.42 10.96 13.27
CA PHE C 95 5.76 9.67 13.43
C PHE C 95 6.17 8.89 14.70
N GLU C 96 7.15 9.41 15.43
CA GLU C 96 7.54 8.83 16.72
C GLU C 96 6.76 9.44 17.89
N LEU C 97 5.98 10.48 17.65
CA LEU C 97 5.30 11.18 18.74
C LEU C 97 4.02 10.49 19.14
N ARG C 98 3.51 10.84 20.32
CA ARG C 98 2.17 10.41 20.74
CA ARG C 98 2.17 10.42 20.74
C ARG C 98 1.13 11.34 20.12
N THR C 99 1.53 12.58 19.83
CA THR C 99 0.64 13.63 19.35
C THR C 99 0.48 13.60 17.83
N PRO C 100 -0.77 13.62 17.32
CA PRO C 100 -0.98 13.71 15.85
C PRO C 100 -0.32 14.95 15.26
N VAL C 101 0.21 14.78 14.05
CA VAL C 101 0.89 15.83 13.28
C VAL C 101 0.25 15.92 11.91
N ILE C 102 -0.23 17.10 11.57
CA ILE C 102 -0.77 17.36 10.22
C ILE C 102 0.17 18.32 9.51
N ALA C 103 0.61 17.96 8.31
CA ALA C 103 1.40 18.91 7.50
C ALA C 103 0.46 19.65 6.56
N ALA C 104 0.37 20.96 6.79
CA ALA C 104 -0.41 21.87 5.96
C ALA C 104 0.58 22.39 4.91
N VAL C 105 0.70 21.62 3.82
CA VAL C 105 1.71 21.88 2.80
C VAL C 105 1.13 22.91 1.84
N ASN C 106 1.34 24.17 2.22
CA ASN C 106 0.63 25.31 1.61
C ASN C 106 1.24 25.78 0.28
N GLY C 107 2.34 25.18 -0.13
CA GLY C 107 3.02 25.54 -1.36
C GLY C 107 4.19 24.61 -1.57
N HIS C 108 5.11 25.00 -2.46
CA HIS C 108 6.37 24.32 -2.86
CA HIS C 108 6.11 24.03 -2.85
C HIS C 108 6.93 23.44 -1.72
N ALA C 109 7.18 22.14 -1.94
CA ALA C 109 7.89 21.30 -0.98
C ALA C 109 8.80 20.40 -1.80
N ILE C 110 10.10 20.66 -1.68
CA ILE C 110 11.11 20.04 -2.53
C ILE C 110 12.20 19.40 -1.68
N GLY C 111 12.67 18.23 -2.07
CA GLY C 111 13.82 17.65 -1.38
C GLY C 111 13.47 17.30 0.05
N ILE C 112 14.34 17.71 0.97
CA ILE C 112 14.03 17.48 2.37
C ILE C 112 12.76 18.20 2.83
N GLY C 113 12.35 19.27 2.13
CA GLY C 113 11.05 19.88 2.43
C GLY C 113 9.91 18.88 2.25
N MET C 114 9.99 18.08 1.20
CA MET C 114 8.98 17.02 1.00
C MET C 114 9.22 15.82 1.92
N THR C 115 10.47 15.37 2.04
CA THR C 115 10.70 14.12 2.79
C THR C 115 10.36 14.34 4.29
N LEU C 116 10.58 15.55 4.83
CA LEU C 116 10.08 15.84 6.18
C LEU C 116 8.56 15.93 6.27
N ALA C 117 7.92 16.45 5.22
CA ALA C 117 6.45 16.45 5.22
C ALA C 117 5.89 15.02 5.28
N LEU C 118 6.62 14.05 4.70
CA LEU C 118 6.18 12.64 4.70
C LEU C 118 6.19 12.03 6.09
N HIS C 119 6.79 12.68 7.08
CA HIS C 119 6.74 12.15 8.43
C HIS C 119 5.39 12.38 9.12
N ALA C 120 4.60 13.34 8.62
CA ALA C 120 3.32 13.68 9.26
C ALA C 120 2.32 12.54 9.09
N ASP C 121 1.33 12.50 9.98
CA ASP C 121 0.24 11.53 9.87
C ASP C 121 -0.64 11.80 8.67
N ILE C 122 -0.88 13.09 8.44
CA ILE C 122 -1.85 13.58 7.46
C ILE C 122 -1.20 14.73 6.68
N ARG C 123 -1.38 14.75 5.35
CA ARG C 123 -0.89 15.85 4.52
C ARG C 123 -2.04 16.44 3.71
N ILE C 124 -2.14 17.76 3.77
CA ILE C 124 -3.05 18.51 2.90
C ILE C 124 -2.14 19.37 2.02
N LEU C 125 -2.26 19.19 0.71
CA LEU C 125 -1.35 19.86 -0.26
C LEU C 125 -2.03 20.94 -1.07
N ALA C 126 -1.31 22.05 -1.28
CA ALA C 126 -1.75 23.07 -2.23
C ALA C 126 -1.76 22.51 -3.66
N GLU C 127 -2.91 22.69 -4.31
CA GLU C 127 -3.09 22.23 -5.70
C GLU C 127 -2.07 22.80 -6.65
N GLU C 128 -1.63 24.03 -6.38
CA GLU C 128 -0.74 24.76 -7.26
C GLU C 128 0.74 24.50 -7.00
N GLY C 129 1.08 23.88 -5.88
CA GLY C 129 2.49 23.75 -5.51
C GLY C 129 3.27 22.77 -6.36
N ARG C 130 4.57 23.05 -6.47
CA ARG C 130 5.50 22.08 -7.06
C ARG C 130 6.07 21.15 -5.98
N TYR C 131 6.03 19.85 -6.25
CA TYR C 131 6.49 18.83 -5.30
C TYR C 131 7.48 17.93 -5.98
N ALA C 132 8.58 17.60 -5.29
CA ALA C 132 9.61 16.74 -5.90
C ALA C 132 10.56 16.28 -4.82
N ILE C 133 11.21 15.15 -5.09
CA ILE C 133 12.28 14.62 -4.24
C ILE C 133 13.48 14.45 -5.18
N PRO C 134 14.19 15.56 -5.50
CA PRO C 134 15.12 15.55 -6.65
C PRO C 134 16.57 15.26 -6.29
N GLN C 135 16.80 14.76 -5.08
CA GLN C 135 18.17 14.52 -4.59
C GLN C 135 19.06 13.77 -5.57
N VAL C 136 18.56 12.74 -6.23
CA VAL C 136 19.44 11.98 -7.13
C VAL C 136 19.93 12.79 -8.34
N ARG C 137 19.17 13.83 -8.72
CA ARG C 137 19.56 14.75 -9.81
C ARG C 137 20.68 15.68 -9.39
N PHE C 138 20.95 15.74 -8.10
CA PHE C 138 22.02 16.57 -7.54
C PHE C 138 23.21 15.76 -7.03
N GLY C 139 23.22 14.45 -7.33
CA GLY C 139 24.36 13.62 -6.92
C GLY C 139 24.33 13.20 -5.47
N VAL C 140 23.19 13.37 -4.80
CA VAL C 140 22.99 12.78 -3.48
C VAL C 140 21.84 11.77 -3.55
N ALA C 141 21.04 11.63 -2.51
CA ALA C 141 20.00 10.58 -2.51
C ALA C 141 18.88 11.01 -1.59
N PRO C 142 17.70 10.36 -1.68
CA PRO C 142 16.62 10.73 -0.75
C PRO C 142 17.04 10.60 0.71
N ASP C 143 16.42 11.41 1.55
CA ASP C 143 16.82 11.54 2.95
C ASP C 143 15.59 11.48 3.86
N ALA C 144 15.83 11.66 5.15
CA ALA C 144 14.77 11.65 6.16
C ALA C 144 13.81 10.47 6.01
N LEU C 145 14.39 9.28 5.80
CA LEU C 145 13.60 8.05 5.75
C LEU C 145 12.62 7.96 4.58
N ALA C 146 12.83 8.73 3.52
CA ALA C 146 11.95 8.67 2.34
C ALA C 146 11.91 7.26 1.73
N HIS C 147 13.03 6.52 1.80
CA HIS C 147 13.06 5.17 1.28
C HIS C 147 12.09 4.23 2.00
N TRP C 148 11.70 4.59 3.22
CA TRP C 148 10.80 3.83 4.07
C TRP C 148 9.39 4.40 4.09
N THR C 149 9.26 5.74 4.23
CA THR C 149 7.91 6.33 4.32
C THR C 149 7.19 6.23 2.99
N LEU C 150 7.91 6.47 1.88
CA LEU C 150 7.21 6.69 0.60
C LEU C 150 6.51 5.43 0.05
N PRO C 151 7.19 4.24 -0.02
CA PRO C 151 6.46 3.06 -0.52
C PRO C 151 5.26 2.68 0.36
N ARG C 152 5.32 3.05 1.66
CA ARG C 152 4.21 2.78 2.58
C ARG C 152 3.04 3.73 2.35
N LEU C 153 3.19 4.75 1.50
CA LEU C 153 2.10 5.63 1.08
C LEU C 153 1.55 5.24 -0.30
N VAL C 154 2.44 5.07 -1.27
CA VAL C 154 2.06 5.08 -2.68
C VAL C 154 2.37 3.76 -3.38
N GLY C 155 2.96 2.79 -2.67
CA GLY C 155 3.37 1.55 -3.33
C GLY C 155 4.76 1.68 -3.94
N THR C 156 5.35 0.55 -4.34
CA THR C 156 6.75 0.61 -4.74
CA THR C 156 6.74 0.53 -4.77
C THR C 156 6.98 1.28 -6.08
N ALA C 157 5.99 1.24 -6.99
CA ALA C 157 6.21 1.80 -8.33
C ALA C 157 6.22 3.31 -8.34
N VAL C 158 5.19 3.90 -7.71
CA VAL C 158 5.17 5.36 -7.62
C VAL C 158 6.38 5.81 -6.80
N ALA C 159 6.71 5.07 -5.74
CA ALA C 159 7.91 5.44 -4.95
C ALA C 159 9.19 5.42 -5.79
N ALA C 160 9.40 4.32 -6.52
CA ALA C 160 10.61 4.21 -7.34
C ALA C 160 10.64 5.31 -8.39
N GLU C 161 9.50 5.63 -9.01
CA GLU C 161 9.48 6.71 -9.99
C GLU C 161 9.91 8.02 -9.36
N LEU C 162 9.30 8.39 -8.24
CA LEU C 162 9.60 9.69 -7.65
C LEU C 162 11.05 9.78 -7.14
N LEU C 163 11.56 8.68 -6.57
CA LEU C 163 12.91 8.70 -6.00
C LEU C 163 14.01 8.55 -7.05
N LEU C 164 13.80 7.74 -8.10
CA LEU C 164 14.84 7.49 -9.07
C LEU C 164 14.86 8.49 -10.21
N THR C 165 13.73 9.11 -10.53
CA THR C 165 13.72 10.20 -11.53
C THR C 165 13.91 11.56 -10.87
N GLY C 166 13.49 11.70 -9.62
CA GLY C 166 13.55 13.01 -8.94
C GLY C 166 12.60 14.03 -9.53
N ALA C 167 11.64 13.59 -10.33
CA ALA C 167 10.79 14.53 -11.10
C ALA C 167 9.67 15.13 -10.26
N SER C 168 9.22 16.28 -10.72
CA SER C 168 8.08 16.96 -10.11
C SER C 168 6.78 16.17 -10.26
N PHE C 169 5.92 16.24 -9.25
CA PHE C 169 4.61 15.61 -9.29
C PHE C 169 3.59 16.55 -8.68
N SER C 170 2.31 16.37 -9.04
CA SER C 170 1.28 17.30 -8.62
C SER C 170 0.61 16.88 -7.34
N ALA C 171 -0.05 17.83 -6.67
CA ALA C 171 -0.90 17.54 -5.52
C ALA C 171 -2.03 16.56 -5.89
N GLN C 172 -2.60 16.72 -7.07
CA GLN C 172 -3.66 15.81 -7.49
C GLN C 172 -3.12 14.38 -7.59
N ARG C 173 -1.94 14.22 -8.19
CA ARG C 173 -1.35 12.90 -8.25
CA ARG C 173 -1.25 12.94 -8.26
C ARG C 173 -1.00 12.38 -6.85
N ALA C 174 -0.55 13.26 -5.95
CA ALA C 174 -0.27 12.89 -4.57
C ALA C 174 -1.52 12.33 -3.90
N VAL C 175 -2.69 12.90 -4.13
CA VAL C 175 -3.93 12.41 -3.52
C VAL C 175 -4.33 11.10 -4.19
N GLU C 176 -4.25 11.03 -5.51
CA GLU C 176 -4.64 9.82 -6.25
C GLU C 176 -3.83 8.60 -5.87
N THR C 177 -2.56 8.81 -5.48
CA THR C 177 -1.64 7.69 -5.17
C THR C 177 -1.55 7.36 -3.68
N GLY C 178 -2.04 8.23 -2.79
CA GLY C 178 -2.04 7.93 -1.38
C GLY C 178 -0.99 8.71 -0.59
N LEU C 179 -0.20 9.54 -1.25
CA LEU C 179 0.82 10.35 -0.57
C LEU C 179 0.16 11.43 0.31
N ALA C 180 -0.90 12.04 -0.22
CA ALA C 180 -1.61 13.12 0.42
C ALA C 180 -3.04 12.75 0.68
N ASN C 181 -3.60 13.31 1.74
CA ASN C 181 -5.00 13.07 2.11
C ASN C 181 -5.99 13.94 1.35
N ARG C 182 -5.56 15.16 0.99
CA ARG C 182 -6.44 16.10 0.31
C ARG C 182 -5.59 17.11 -0.41
N CYS C 183 -6.12 17.66 -1.49
CA CYS C 183 -5.51 18.82 -2.10
C CYS C 183 -6.56 19.92 -2.31
N LEU C 184 -6.10 21.15 -2.13
CA LEU C 184 -6.97 22.31 -2.08
C LEU C 184 -6.21 23.48 -2.65
N PRO C 185 -6.90 24.54 -3.09
CA PRO C 185 -6.21 25.76 -3.45
C PRO C 185 -5.33 26.20 -2.29
N ALA C 186 -4.15 26.70 -2.63
CA ALA C 186 -3.14 27.05 -1.64
C ALA C 186 -3.66 27.85 -0.44
N GLY C 187 -4.46 28.87 -0.70
CA GLY C 187 -4.97 29.75 0.37
C GLY C 187 -6.00 29.11 1.30
N LYS C 188 -6.42 27.90 0.98
CA LYS C 188 -7.35 27.14 1.82
C LYS C 188 -6.69 26.02 2.63
N VAL C 189 -5.42 25.73 2.35
CA VAL C 189 -4.75 24.56 2.94
C VAL C 189 -4.61 24.68 4.46
N LEU C 190 -4.09 25.79 4.96
CA LEU C 190 -3.91 25.91 6.40
C LEU C 190 -5.26 25.89 7.14
N GLY C 191 -6.25 26.61 6.61
CA GLY C 191 -7.57 26.61 7.22
C GLY C 191 -8.14 25.20 7.34
N ALA C 192 -7.97 24.38 6.30
CA ALA C 192 -8.48 23.02 6.33
C ALA C 192 -7.75 22.16 7.36
N ALA C 193 -6.43 22.33 7.45
CA ALA C 193 -5.64 21.62 8.44
C ALA C 193 -6.06 22.00 9.84
N LEU C 194 -6.30 23.29 10.06
CA LEU C 194 -6.77 23.76 11.37
C LEU C 194 -8.16 23.23 11.74
N ARG C 195 -9.08 23.18 10.77
CA ARG C 195 -10.40 22.58 11.05
C ARG C 195 -10.26 21.11 11.45
N MET C 196 -9.41 20.38 10.75
CA MET C 196 -9.16 18.98 11.10
C MET C 196 -8.51 18.85 12.50
N ALA C 197 -7.54 19.70 12.77
CA ALA C 197 -6.86 19.68 14.06
C ALA C 197 -7.84 19.98 15.20
N HIS C 198 -8.67 21.00 15.02
CA HIS C 198 -9.64 21.35 16.05
C HIS C 198 -10.71 20.29 16.25
N ASP C 199 -11.07 19.57 15.19
CA ASP C 199 -11.97 18.44 15.35
C ASP C 199 -11.34 17.33 16.18
N ILE C 200 -10.05 17.05 16.00
CA ILE C 200 -9.37 16.06 16.84
C ILE C 200 -9.33 16.57 18.28
N ALA C 201 -8.93 17.83 18.48
CA ALA C 201 -8.81 18.39 19.83
C ALA C 201 -10.13 18.36 20.58
N THR C 202 -11.24 18.56 19.86
CA THR C 202 -12.55 18.62 20.47
C THR C 202 -13.17 17.23 20.65
N ASN C 203 -13.10 16.41 19.60
CA ASN C 203 -13.91 15.21 19.49
C ASN C 203 -13.19 13.87 19.58
N VAL C 204 -11.87 13.88 19.70
CA VAL C 204 -11.09 12.64 19.82
C VAL C 204 -10.43 12.60 21.19
N ALA C 205 -10.57 11.48 21.90
CA ALA C 205 -9.97 11.42 23.24
C ALA C 205 -8.43 11.44 23.18
N PRO C 206 -7.75 12.15 24.10
CA PRO C 206 -6.29 12.26 24.03
C PRO C 206 -5.55 10.92 24.02
N GLU C 207 -5.88 10.01 24.94
CA GLU C 207 -5.12 8.77 25.01
C GLU C 207 -5.50 7.82 23.88
N SER C 208 -6.74 7.90 23.41
CA SER C 208 -7.17 7.18 22.21
C SER C 208 -6.30 7.54 21.02
N ALA C 209 -6.12 8.83 20.76
CA ALA C 209 -5.25 9.24 19.64
C ALA C 209 -3.80 8.78 19.87
N ALA C 210 -3.28 8.92 21.09
CA ALA C 210 -1.89 8.57 21.33
C ALA C 210 -1.61 7.10 21.10
N LEU C 211 -2.44 6.23 21.67
CA LEU C 211 -2.19 4.80 21.54
C LEU C 211 -2.39 4.32 20.10
N THR C 212 -3.40 4.88 19.43
CA THR C 212 -3.67 4.52 18.04
C THR C 212 -2.50 4.94 17.15
N LYS C 213 -2.04 6.18 17.32
CA LYS C 213 -0.91 6.65 16.52
C LYS C 213 0.32 5.77 16.76
N ARG C 214 0.62 5.50 18.03
CA ARG C 214 1.84 4.77 18.36
C ARG C 214 1.79 3.32 17.86
N LEU C 215 0.62 2.68 17.87
CA LEU C 215 0.54 1.31 17.38
C LEU C 215 0.64 1.29 15.86
N LEU C 216 -0.07 2.20 15.21
CA LEU C 216 0.00 2.27 13.74
C LEU C 216 1.46 2.39 13.31
N TRP C 217 2.17 3.36 13.87
CA TRP C 217 3.54 3.59 13.43
C TRP C 217 4.55 2.61 14.00
N ASP C 218 4.44 2.23 15.28
CA ASP C 218 5.42 1.25 15.80
C ASP C 218 5.36 -0.05 14.97
N ALA C 219 4.17 -0.47 14.56
CA ALA C 219 4.07 -1.70 13.78
C ALA C 219 4.82 -1.58 12.47
N GLN C 220 4.76 -0.41 11.84
CA GLN C 220 5.53 -0.15 10.62
C GLN C 220 7.02 -0.03 10.86
N MET C 221 7.41 0.62 11.94
CA MET C 221 8.81 0.88 12.25
C MET C 221 9.59 -0.40 12.52
N THR C 222 8.96 -1.35 13.19
CA THR C 222 9.68 -2.56 13.66
C THR C 222 9.18 -3.82 13.01
N GLY C 223 8.23 -3.73 12.09
CA GLY C 223 7.67 -4.92 11.44
C GLY C 223 6.99 -5.88 12.39
N MET C 224 6.12 -5.35 13.25
CA MET C 224 5.37 -6.23 14.16
C MET C 224 4.52 -7.24 13.39
N SER C 225 4.46 -8.46 13.88
CA SER C 225 3.59 -9.48 13.26
C SER C 225 2.13 -9.12 13.51
N ALA C 226 1.22 -9.72 12.76
CA ALA C 226 -0.19 -9.52 13.02
C ALA C 226 -0.54 -9.93 14.46
N ALA C 227 0.02 -11.05 14.93
CA ALA C 227 -0.29 -11.50 16.28
C ALA C 227 0.17 -10.49 17.34
N GLU C 228 1.33 -9.88 17.10
CA GLU C 228 1.83 -8.86 18.03
C GLU C 228 0.96 -7.60 18.02
N VAL C 229 0.54 -7.15 16.84
CA VAL C 229 -0.37 -6.01 16.76
C VAL C 229 -1.69 -6.32 17.49
N ALA C 230 -2.25 -7.53 17.26
CA ALA C 230 -3.51 -7.88 17.91
C ALA C 230 -3.38 -7.86 19.44
N ALA C 231 -2.24 -8.36 19.93
CA ALA C 231 -2.00 -8.37 21.37
C ALA C 231 -1.88 -6.95 21.92
N ARG C 232 -1.22 -6.04 21.20
CA ARG C 232 -1.16 -4.66 21.68
C ARG C 232 -2.51 -3.96 21.63
N GLU C 233 -3.31 -4.22 20.59
CA GLU C 233 -4.67 -3.66 20.59
C GLU C 233 -5.43 -4.06 21.86
N THR C 234 -5.32 -5.32 22.25
CA THR C 234 -5.96 -5.76 23.47
C THR C 234 -5.40 -5.03 24.70
N ALA C 235 -4.07 -4.95 24.81
CA ALA C 235 -3.48 -4.25 25.96
C ALA C 235 -3.87 -2.75 25.97
N ASP C 236 -3.88 -2.09 24.82
CA ASP C 236 -4.27 -0.68 24.72
C ASP C 236 -5.74 -0.53 25.06
N HIS C 237 -6.58 -1.45 24.61
CA HIS C 237 -7.98 -1.44 25.02
C HIS C 237 -8.14 -1.56 26.53
N LEU C 238 -7.38 -2.44 27.17
CA LEU C 238 -7.46 -2.57 28.63
C LEU C 238 -7.08 -1.24 29.30
N ARG C 239 -6.06 -0.56 28.79
CA ARG C 239 -5.67 0.78 29.29
C ARG C 239 -6.82 1.76 29.14
N LEU C 240 -7.42 1.82 27.95
CA LEU C 240 -8.45 2.83 27.67
C LEU C 240 -9.73 2.52 28.41
N MET C 241 -10.09 1.25 28.54
CA MET C 241 -11.29 0.87 29.27
C MET C 241 -11.16 1.22 30.76
N GLY C 242 -9.94 1.37 31.24
CA GLY C 242 -9.67 1.80 32.62
C GLY C 242 -9.54 3.30 32.76
N SER C 243 -9.95 4.05 31.73
CA SER C 243 -9.83 5.49 31.77
CA SER C 243 -9.83 5.52 31.66
C SER C 243 -11.20 6.18 31.72
N GLN C 244 -11.27 7.36 32.32
CA GLN C 244 -12.50 8.14 32.42
C GLN C 244 -13.05 8.48 31.03
N ASP C 245 -12.17 8.72 30.05
CA ASP C 245 -12.65 9.13 28.72
C ASP C 245 -13.47 8.03 28.04
N ALA C 246 -13.21 6.75 28.37
CA ALA C 246 -14.02 5.65 27.84
C ALA C 246 -15.45 5.64 28.41
N ALA C 247 -15.64 6.23 29.60
CA ALA C 247 -16.99 6.45 30.11
C ALA C 247 -17.62 7.68 29.47
N GLU C 248 -16.85 8.75 29.33
CA GLU C 248 -17.33 10.02 28.81
C GLU C 248 -17.78 9.97 27.36
N GLY C 249 -17.09 9.20 26.53
CA GLY C 249 -17.48 9.14 25.11
C GLY C 249 -18.92 8.67 24.94
N PRO C 250 -19.25 7.49 25.46
CA PRO C 250 -20.64 7.00 25.40
C PRO C 250 -21.62 7.88 26.19
N ARG C 251 -21.21 8.35 27.37
CA ARG C 251 -22.09 9.17 28.20
C ARG C 251 -22.49 10.45 27.48
N ALA C 252 -21.53 11.10 26.83
CA ALA C 252 -21.81 12.32 26.07
C ALA C 252 -22.72 12.04 24.90
N PHE C 253 -22.47 10.94 24.20
CA PHE C 253 -23.28 10.52 23.06
C PHE C 253 -24.73 10.32 23.49
N ILE C 254 -24.94 9.57 24.56
CA ILE C 254 -26.27 9.30 25.12
C ILE C 254 -26.98 10.59 25.55
N ASP C 255 -26.23 11.53 26.13
CA ASP C 255 -26.78 12.84 26.53
C ASP C 255 -27.03 13.79 25.38
N GLY C 256 -26.45 13.52 24.23
CA GLY C 256 -26.49 14.44 23.09
C GLY C 256 -25.77 15.75 23.35
N ARG C 257 -24.55 15.68 23.88
CA ARG C 257 -23.75 16.86 24.19
C ARG C 257 -22.30 16.60 23.76
N PRO C 258 -21.48 17.66 23.66
CA PRO C 258 -20.06 17.45 23.36
C PRO C 258 -19.34 16.74 24.51
N PRO C 259 -18.31 15.93 24.20
CA PRO C 259 -17.53 15.31 25.26
C PRO C 259 -16.60 16.32 25.91
N ARG C 260 -16.32 16.11 27.19
CA ARG C 260 -15.34 16.87 27.92
C ARG C 260 -14.28 15.90 28.40
N TRP C 261 -13.13 15.90 27.73
CA TRP C 261 -12.11 14.90 28.03
C TRP C 261 -11.33 15.23 29.30
N ALA C 262 -10.83 14.20 29.97
CA ALA C 262 -10.17 14.39 31.27
C ALA C 262 -8.94 15.28 31.20
N GLY C 263 -8.82 16.19 32.17
CA GLY C 263 -7.69 17.11 32.25
C GLY C 263 -7.61 18.17 31.18
N GLN C 264 -8.64 18.25 30.32
CA GLN C 264 -8.63 19.19 29.20
C GLN C 264 -9.44 20.45 29.51
K K D . -13.75 -24.75 2.60
K K E . -4.97 4.80 -5.33
C1 EDO F . -13.02 -4.40 21.16
O1 EDO F . -13.81 -3.52 21.97
C2 EDO F . -13.88 -5.14 20.15
O2 EDO F . -14.90 -5.91 20.80
C1 EDO G . -17.34 2.82 18.87
O1 EDO G . -16.70 1.54 18.76
C2 EDO G . -18.01 3.20 17.54
O2 EDO G . -18.34 2.07 16.71
C1 EDO H . -10.17 -23.50 -0.61
O1 EDO H . -9.81 -22.69 -1.73
C2 EDO H . -11.68 -23.70 -0.69
O2 EDO H . -12.03 -24.56 -1.80
C1 EDO I . -7.86 -21.09 10.40
O1 EDO I . -7.79 -21.68 11.71
C2 EDO I . -7.59 -22.14 9.34
O2 EDO I . -8.76 -22.95 9.15
C1 EDO J . 15.92 -17.75 2.92
O1 EDO J . 16.73 -16.60 2.66
C2 EDO J . 15.73 -18.55 1.64
O2 EDO J . 15.50 -19.91 1.99
C1 GOL K . -18.95 10.74 15.93
O1 GOL K . -18.69 9.41 15.52
C2 GOL K . -18.47 11.00 17.37
O2 GOL K . -18.02 12.34 17.46
C3 GOL K . -19.54 10.79 18.44
O3 GOL K . -20.79 11.25 18.01
K K L . 24.68 -0.71 -15.50
C1 EDO M . -2.54 -3.86 -27.15
O1 EDO M . -2.12 -5.21 -27.00
C2 EDO M . -3.48 -3.75 -28.34
O2 EDO M . -2.70 -3.92 -29.54
C1 EDO N . 6.83 -19.91 -13.64
O1 EDO N . 7.58 -20.19 -14.85
C2 EDO N . 6.35 -21.16 -12.94
O2 EDO N . 5.41 -21.90 -13.75
C1 EDO O . 23.12 -7.22 -8.82
O1 EDO O . 23.80 -7.10 -10.07
C2 EDO O . 22.22 -8.45 -8.79
O2 EDO O . 22.97 -9.62 -9.09
C1 EDO P . 23.51 2.47 -13.51
O1 EDO P . 24.17 3.69 -13.92
C2 EDO P . 23.39 2.41 -12.01
O2 EDO P . 22.50 3.46 -11.65
C1 EDO Q . 18.13 3.45 -26.62
O1 EDO Q . 18.14 2.26 -27.42
C2 EDO Q . 17.82 4.67 -27.47
O2 EDO Q . 16.56 5.22 -27.10
C1 EDO R . 6.19 2.61 -33.21
O1 EDO R . 6.57 3.96 -33.52
C2 EDO R . 4.93 2.61 -32.35
O2 EDO R . 4.11 3.73 -32.65
K K S . 1.02 16.76 23.48
C1 EDO T . 9.20 10.59 21.05
O1 EDO T . 10.43 10.88 21.71
C2 EDO T . 8.07 10.51 22.06
O2 EDO T . 7.80 11.79 22.66
C1 EDO U . 20.96 14.91 4.46
O1 EDO U . 21.42 15.80 3.43
C2 EDO U . 19.64 15.40 5.05
O2 EDO U . 19.84 16.60 5.81
C1 EDO V . 18.94 19.10 -3.13
O1 EDO V . 18.91 17.91 -2.34
C2 EDO V . 17.58 19.26 -3.79
O2 EDO V . 16.55 19.56 -2.83
C1 EDO W . -1.96 12.85 22.43
O1 EDO W . -3.00 12.36 21.59
C2 EDO W . -2.08 14.36 22.44
O2 EDO W . -3.26 14.80 23.13
#